data_1V40
#
_entry.id   1V40
#
_cell.length_a   47.288
_cell.length_b   49.237
_cell.length_c   94.526
_cell.angle_alpha   93.25
_cell.angle_beta   89.98
_cell.angle_gamma   90.01
#
_symmetry.space_group_name_H-M   'P 1'
#
loop_
_entity.id
_entity.type
_entity.pdbx_description
1 polymer 'Glutathione-requiring prostaglandin D synthase'
2 non-polymer 'MAGNESIUM ION'
3 non-polymer GLUTATHIONE
4 non-polymer 3-(1,3-BENZOTHIAZOL-2-YL)-2-(1,4-DIOXO-1,2,3,4-TETRAHYDROPHTHALAZIN-6-YL)-5-[(E)-2-PHENYLVINYL]-3H-TETRAAZOL-2-IUM
5 non-polymer GLYCEROL
6 water water
#
_entity_poly.entity_id   1
_entity_poly.type   'polypeptide(L)'
_entity_poly.pdbx_seq_one_letter_code
;PNYKLTYFNMRGRAEIIRYIFAYLDIQYEDHRIEQADWPEIKSTLPFGKIPILEVDGLTLHQSLAIARYLTKNTDLAGNT
EMEQCHVDAIVDTLDDFMSCFPWAEKKQDVKEQMFNELLTYNAPHLMQDLDTYLGGREWLIGMSVTWADFYWEICSTTLL
VFKPDLLDNHPRLVTLRKKVQAIPAVANWIKRRPQTKL
;
_entity_poly.pdbx_strand_id   A,B,C,D
#
# COMPACT_ATOMS: atom_id res chain seq x y z
N PRO A 1 -32.93 -28.75 16.05
CA PRO A 1 -31.86 -29.70 15.65
C PRO A 1 -31.45 -30.57 16.84
N ASN A 2 -31.05 -31.81 16.57
CA ASN A 2 -30.60 -32.70 17.63
C ASN A 2 -29.11 -32.46 17.83
N TYR A 3 -28.72 -32.06 19.05
CA TYR A 3 -27.32 -31.79 19.35
C TYR A 3 -26.70 -32.85 20.26
N LYS A 4 -25.58 -33.42 19.82
CA LYS A 4 -24.86 -34.41 20.61
C LYS A 4 -23.39 -34.04 20.72
N LEU A 5 -22.98 -33.63 21.91
CA LEU A 5 -21.60 -33.25 22.18
C LEU A 5 -20.84 -34.45 22.71
N THR A 6 -19.67 -34.73 22.12
CA THR A 6 -18.85 -35.85 22.55
C THR A 6 -17.51 -35.36 23.03
N TYR A 7 -17.13 -35.74 24.24
CA TYR A 7 -15.85 -35.33 24.81
C TYR A 7 -15.53 -36.26 25.97
N PHE A 8 -14.43 -35.98 26.66
CA PHE A 8 -14.04 -36.77 27.83
C PHE A 8 -14.89 -36.25 28.98
N ASN A 9 -14.92 -36.98 30.09
CA ASN A 9 -15.68 -36.56 31.24
C ASN A 9 -14.85 -35.56 32.04
N MET A 10 -14.68 -34.37 31.46
CA MET A 10 -13.93 -33.29 32.08
C MET A 10 -14.41 -32.00 31.41
N ARG A 11 -14.14 -30.86 32.01
CA ARG A 11 -14.57 -29.60 31.41
C ARG A 11 -13.74 -29.42 30.13
N GLY A 12 -12.43 -29.26 30.31
CA GLY A 12 -11.53 -29.11 29.17
C GLY A 12 -11.93 -28.18 28.05
N ARG A 13 -11.75 -28.66 26.82
CA ARG A 13 -12.06 -27.87 25.62
C ARG A 13 -13.53 -27.86 25.22
N ALA A 14 -14.33 -28.70 25.88
CA ALA A 14 -15.75 -28.76 25.55
C ALA A 14 -16.62 -27.88 26.43
N GLU A 15 -16.10 -27.50 27.60
CA GLU A 15 -16.86 -26.68 28.54
C GLU A 15 -17.42 -25.40 27.92
N ILE A 16 -16.65 -24.77 27.03
CA ILE A 16 -17.12 -23.54 26.41
C ILE A 16 -18.41 -23.77 25.63
N ILE A 17 -18.50 -24.95 25.01
CA ILE A 17 -19.69 -25.30 24.24
C ILE A 17 -20.83 -25.56 25.22
N ARG A 18 -20.52 -26.24 26.32
CA ARG A 18 -21.53 -26.55 27.33
C ARG A 18 -22.09 -25.25 27.91
N TYR A 19 -21.24 -24.26 28.15
CA TYR A 19 -21.68 -22.96 28.69
C TYR A 19 -22.64 -22.28 27.70
N ILE A 20 -22.28 -22.31 26.43
CA ILE A 20 -23.09 -21.68 25.39
C ILE A 20 -24.48 -22.32 25.33
N PHE A 21 -24.53 -23.65 25.31
CA PHE A 21 -25.80 -24.36 25.28
C PHE A 21 -26.65 -23.97 26.49
N ALA A 22 -26.03 -23.90 27.67
CA ALA A 22 -26.76 -23.54 28.88
C ALA A 22 -27.31 -22.12 28.79
N TYR A 23 -26.44 -21.18 28.45
CA TYR A 23 -26.84 -19.78 28.32
C TYR A 23 -28.02 -19.61 27.37
N LEU A 24 -27.91 -20.20 26.19
CA LEU A 24 -28.94 -20.11 25.17
C LEU A 24 -30.14 -21.02 25.47
N ASP A 25 -30.04 -21.80 26.54
CA ASP A 25 -31.09 -22.72 26.96
C ASP A 25 -31.40 -23.73 25.85
N ILE A 26 -30.36 -24.38 25.35
CA ILE A 26 -30.51 -25.38 24.31
C ILE A 26 -30.22 -26.78 24.84
N GLN A 27 -31.18 -27.68 24.66
CA GLN A 27 -31.02 -29.05 25.12
C GLN A 27 -30.10 -29.82 24.17
N TYR A 28 -29.19 -30.61 24.73
CA TYR A 28 -28.26 -31.39 23.93
C TYR A 28 -27.81 -32.60 24.74
N GLU A 29 -27.27 -33.59 24.05
CA GLU A 29 -26.78 -34.79 24.71
C GLU A 29 -25.32 -34.54 25.08
N ASP A 30 -25.02 -34.52 26.37
CA ASP A 30 -23.67 -34.29 26.84
C ASP A 30 -22.97 -35.63 26.95
N HIS A 31 -22.58 -36.20 25.82
CA HIS A 31 -21.93 -37.51 25.79
C HIS A 31 -20.47 -37.46 26.24
N ARG A 32 -20.20 -38.11 27.37
CA ARG A 32 -18.85 -38.17 27.93
C ARG A 32 -18.31 -39.58 27.83
N ILE A 33 -17.14 -39.73 27.23
CA ILE A 33 -16.54 -41.05 27.08
C ILE A 33 -15.35 -41.22 28.00
N GLU A 34 -14.99 -42.47 28.26
CA GLU A 34 -13.86 -42.80 29.11
C GLU A 34 -12.72 -43.18 28.17
N GLN A 35 -11.50 -43.23 28.70
CA GLN A 35 -10.34 -43.57 27.89
C GLN A 35 -10.53 -44.89 27.13
N ALA A 36 -11.13 -45.87 27.78
CA ALA A 36 -11.36 -47.18 27.17
C ALA A 36 -12.29 -47.11 25.97
N ASP A 37 -12.93 -45.97 25.79
CA ASP A 37 -13.87 -45.79 24.68
C ASP A 37 -13.22 -45.09 23.49
N TRP A 38 -12.31 -44.17 23.80
CA TRP A 38 -11.60 -43.37 22.81
C TRP A 38 -11.12 -44.08 21.54
N PRO A 39 -10.24 -45.08 21.68
CA PRO A 39 -9.73 -45.83 20.51
C PRO A 39 -10.71 -46.03 19.37
N GLU A 40 -11.76 -46.80 19.62
CA GLU A 40 -12.77 -47.08 18.59
C GLU A 40 -13.43 -45.80 18.09
N ILE A 41 -13.63 -44.85 18.99
CA ILE A 41 -14.25 -43.58 18.64
C ILE A 41 -13.37 -42.74 17.73
N LYS A 42 -12.13 -42.55 18.13
CA LYS A 42 -11.17 -41.76 17.36
C LYS A 42 -11.16 -42.18 15.90
N SER A 43 -11.19 -43.47 15.65
CA SER A 43 -11.17 -44.01 14.30
C SER A 43 -12.32 -43.49 13.45
N THR A 44 -13.39 -43.04 14.10
CA THR A 44 -14.55 -42.52 13.41
C THR A 44 -14.63 -41.00 13.45
N LEU A 45 -13.49 -40.33 13.62
CA LEU A 45 -13.50 -38.88 13.67
C LEU A 45 -12.71 -38.29 12.50
N PRO A 46 -13.15 -37.13 12.00
CA PRO A 46 -12.50 -36.43 10.88
C PRO A 46 -11.00 -36.31 11.02
N PHE A 47 -10.57 -35.71 12.12
CA PHE A 47 -9.15 -35.53 12.37
C PHE A 47 -8.74 -36.12 13.72
N GLY A 48 -9.42 -37.20 14.10
CA GLY A 48 -9.13 -37.92 15.33
C GLY A 48 -9.08 -37.13 16.62
N LYS A 49 -9.83 -36.04 16.70
CA LYS A 49 -9.82 -35.23 17.90
C LYS A 49 -11.22 -34.92 18.40
N ILE A 50 -11.30 -34.66 19.71
CA ILE A 50 -12.56 -34.28 20.34
C ILE A 50 -12.24 -32.95 21.01
N PRO A 51 -13.26 -32.16 21.36
CA PRO A 51 -14.69 -32.40 21.15
C PRO A 51 -15.20 -32.30 19.72
N ILE A 52 -16.33 -32.97 19.49
CA ILE A 52 -17.02 -32.94 18.21
C ILE A 52 -18.46 -32.65 18.59
N LEU A 53 -19.22 -32.09 17.66
CA LEU A 53 -20.62 -31.79 17.90
C LEU A 53 -21.42 -32.29 16.71
N GLU A 54 -22.35 -33.20 16.97
CA GLU A 54 -23.19 -33.73 15.93
C GLU A 54 -24.49 -32.95 15.88
N VAL A 55 -24.81 -32.43 14.70
CA VAL A 55 -26.03 -31.66 14.49
C VAL A 55 -26.90 -32.46 13.52
N ASP A 56 -27.92 -33.11 14.06
CA ASP A 56 -28.81 -33.91 13.22
C ASP A 56 -27.98 -34.90 12.39
N GLY A 57 -27.03 -35.56 13.05
CA GLY A 57 -26.20 -36.53 12.37
C GLY A 57 -24.95 -36.01 11.68
N LEU A 58 -24.87 -34.70 11.46
CA LEU A 58 -23.70 -34.11 10.81
C LEU A 58 -22.62 -33.77 11.83
N THR A 59 -21.40 -34.21 11.57
CA THR A 59 -20.29 -33.97 12.49
C THR A 59 -19.52 -32.67 12.28
N LEU A 60 -19.40 -31.89 13.35
CA LEU A 60 -18.66 -30.63 13.34
C LEU A 60 -17.52 -30.85 14.32
N HIS A 61 -16.35 -30.28 14.04
CA HIS A 61 -15.22 -30.42 14.95
C HIS A 61 -14.55 -29.09 15.27
N GLN A 62 -13.55 -29.13 16.15
CA GLN A 62 -12.81 -27.96 16.62
C GLN A 62 -13.69 -27.11 17.57
N SER A 63 -13.36 -27.17 18.86
CA SER A 63 -14.13 -26.48 19.89
C SER A 63 -14.47 -25.01 19.63
N LEU A 64 -13.50 -24.23 19.18
CA LEU A 64 -13.76 -22.82 18.95
C LEU A 64 -14.59 -22.58 17.70
N ALA A 65 -14.39 -23.40 16.67
CA ALA A 65 -15.17 -23.29 15.45
C ALA A 65 -16.64 -23.58 15.80
N ILE A 66 -16.83 -24.59 16.64
CA ILE A 66 -18.17 -24.97 17.08
C ILE A 66 -18.76 -23.87 17.96
N ALA A 67 -17.97 -23.38 18.91
CA ALA A 67 -18.43 -22.32 19.80
C ALA A 67 -18.87 -21.09 19.01
N ARG A 68 -18.11 -20.74 17.97
CA ARG A 68 -18.44 -19.57 17.15
C ARG A 68 -19.72 -19.84 16.38
N TYR A 69 -19.84 -21.06 15.87
CA TYR A 69 -21.01 -21.47 15.11
C TYR A 69 -22.30 -21.28 15.91
N LEU A 70 -22.28 -21.73 17.17
CA LEU A 70 -23.43 -21.65 18.04
C LEU A 70 -23.80 -20.25 18.52
N THR A 71 -22.81 -19.37 18.57
CA THR A 71 -23.05 -18.00 19.07
C THR A 71 -23.38 -16.97 17.99
N LYS A 72 -23.22 -17.35 16.73
CA LYS A 72 -23.53 -16.41 15.66
C LYS A 72 -25.00 -16.06 15.73
N ASN A 73 -25.30 -14.81 15.46
CA ASN A 73 -26.68 -14.33 15.49
C ASN A 73 -27.30 -14.36 16.88
N THR A 74 -26.45 -14.42 17.91
CA THR A 74 -26.95 -14.42 19.30
C THR A 74 -26.32 -13.21 19.99
N ASP A 75 -26.70 -12.96 21.23
CA ASP A 75 -26.17 -11.80 21.95
C ASP A 75 -24.79 -12.05 22.54
N LEU A 76 -24.22 -13.23 22.27
CA LEU A 76 -22.89 -13.57 22.79
C LEU A 76 -21.79 -13.36 21.74
N ALA A 77 -22.17 -13.00 20.53
CA ALA A 77 -21.23 -12.84 19.42
C ALA A 77 -20.36 -11.57 19.34
N GLY A 78 -20.92 -10.43 19.74
CA GLY A 78 -20.20 -9.18 19.62
C GLY A 78 -21.16 -8.32 18.82
N ASN A 79 -21.28 -7.04 19.15
CA ASN A 79 -22.24 -6.17 18.49
C ASN A 79 -21.89 -5.58 17.13
N THR A 80 -20.63 -5.68 16.74
CA THR A 80 -20.17 -5.19 15.44
C THR A 80 -19.17 -6.21 14.93
N GLU A 81 -18.80 -6.12 13.66
CA GLU A 81 -17.84 -7.07 13.11
C GLU A 81 -16.50 -6.87 13.77
N MET A 82 -16.16 -5.61 14.07
CA MET A 82 -14.90 -5.31 14.73
C MET A 82 -14.88 -5.97 16.11
N GLU A 83 -15.98 -5.84 16.85
CA GLU A 83 -16.09 -6.41 18.19
C GLU A 83 -16.06 -7.93 18.13
N GLN A 84 -16.59 -8.49 17.05
CA GLN A 84 -16.59 -9.93 16.86
C GLN A 84 -15.15 -10.36 16.67
N CYS A 85 -14.37 -9.49 16.04
CA CYS A 85 -12.96 -9.79 15.83
C CYS A 85 -12.24 -9.80 17.18
N HIS A 86 -12.56 -8.83 18.04
CA HIS A 86 -11.93 -8.76 19.35
C HIS A 86 -12.29 -10.01 20.16
N VAL A 87 -13.53 -10.45 20.05
CA VAL A 87 -13.96 -11.64 20.78
C VAL A 87 -13.10 -12.82 20.31
N ASP A 88 -12.97 -12.98 19.00
CA ASP A 88 -12.15 -14.07 18.45
C ASP A 88 -10.70 -13.94 18.89
N ALA A 89 -10.17 -12.72 18.87
CA ALA A 89 -8.78 -12.49 19.25
C ALA A 89 -8.51 -12.88 20.71
N ILE A 90 -9.36 -12.42 21.61
CA ILE A 90 -9.21 -12.72 23.04
C ILE A 90 -9.29 -14.23 23.25
N VAL A 91 -10.23 -14.88 22.58
CA VAL A 91 -10.38 -16.32 22.71
C VAL A 91 -9.13 -17.06 22.22
N ASP A 92 -8.57 -16.65 21.08
CA ASP A 92 -7.36 -17.31 20.56
C ASP A 92 -6.13 -17.05 21.43
N THR A 93 -6.07 -15.88 22.05
CA THR A 93 -4.92 -15.57 22.92
C THR A 93 -4.98 -16.52 24.12
N LEU A 94 -6.19 -16.69 24.66
CA LEU A 94 -6.37 -17.58 25.79
C LEU A 94 -6.11 -19.03 25.37
N ASP A 95 -6.64 -19.43 24.21
CA ASP A 95 -6.46 -20.81 23.74
C ASP A 95 -4.97 -21.08 23.46
N ASP A 96 -4.29 -20.10 22.88
CA ASP A 96 -2.87 -20.24 22.58
C ASP A 96 -2.13 -20.62 23.87
N PHE A 97 -2.39 -19.89 24.94
CA PHE A 97 -1.74 -20.15 26.22
C PHE A 97 -2.09 -21.52 26.79
N MET A 98 -3.39 -21.81 26.90
CA MET A 98 -3.83 -23.10 27.43
C MET A 98 -3.25 -24.25 26.62
N SER A 99 -3.09 -24.04 25.32
CA SER A 99 -2.56 -25.07 24.43
C SER A 99 -1.06 -25.28 24.62
N CYS A 100 -0.40 -24.34 25.28
CA CYS A 100 1.04 -24.44 25.52
C CYS A 100 1.37 -25.52 26.55
N PHE A 101 0.42 -25.81 27.43
CA PHE A 101 0.63 -26.82 28.46
C PHE A 101 0.70 -28.24 27.89
N PRO A 102 1.73 -29.00 28.29
CA PRO A 102 1.92 -30.38 27.83
C PRO A 102 1.00 -31.33 28.58
N TRP A 103 -0.31 -31.19 28.36
CA TRP A 103 -1.30 -32.03 29.02
C TRP A 103 -1.07 -33.51 28.78
N ALA A 104 -0.51 -33.85 27.62
CA ALA A 104 -0.28 -35.24 27.25
C ALA A 104 1.09 -35.82 27.60
N GLU A 105 2.05 -34.97 27.93
CA GLU A 105 3.39 -35.45 28.29
C GLU A 105 3.25 -36.57 29.31
N LYS A 106 3.93 -37.69 29.09
CA LYS A 106 3.84 -38.84 29.99
C LYS A 106 4.65 -38.81 31.29
N LYS A 107 5.81 -38.15 31.27
CA LYS A 107 6.65 -38.10 32.47
C LYS A 107 6.18 -37.07 33.50
N GLN A 108 5.89 -37.54 34.70
CA GLN A 108 5.41 -36.69 35.80
C GLN A 108 6.19 -35.41 36.03
N ASP A 109 7.51 -35.48 35.91
CA ASP A 109 8.34 -34.30 36.14
C ASP A 109 8.67 -33.43 34.92
N VAL A 110 9.11 -34.03 33.83
CA VAL A 110 9.43 -33.26 32.62
C VAL A 110 8.21 -32.43 32.26
N LYS A 111 7.05 -32.95 32.62
CA LYS A 111 5.77 -32.31 32.38
C LYS A 111 5.64 -31.16 33.39
N GLU A 112 5.87 -31.49 34.65
CA GLU A 112 5.79 -30.51 35.72
C GLU A 112 6.82 -29.41 35.57
N GLN A 113 7.84 -29.66 34.75
CA GLN A 113 8.88 -28.67 34.54
C GLN A 113 8.33 -27.59 33.61
N MET A 114 7.75 -28.01 32.48
CA MET A 114 7.18 -27.07 31.52
C MET A 114 6.01 -26.35 32.17
N PHE A 115 5.28 -27.04 33.03
CA PHE A 115 4.15 -26.45 33.73
C PHE A 115 4.61 -25.30 34.62
N ASN A 116 5.60 -25.56 35.46
CA ASN A 116 6.12 -24.53 36.36
C ASN A 116 6.55 -23.27 35.62
N GLU A 117 7.31 -23.44 34.55
CA GLU A 117 7.76 -22.30 33.75
C GLU A 117 6.59 -21.50 33.20
N LEU A 118 5.57 -22.20 32.73
CA LEU A 118 4.38 -21.55 32.18
C LEU A 118 3.57 -20.82 33.23
N LEU A 119 3.48 -21.40 34.42
CA LEU A 119 2.71 -20.80 35.52
C LEU A 119 3.48 -19.72 36.27
N THR A 120 4.78 -19.91 36.44
CA THR A 120 5.61 -18.97 37.17
C THR A 120 5.99 -17.71 36.40
N TYR A 121 6.27 -17.85 35.11
CA TYR A 121 6.66 -16.68 34.32
C TYR A 121 5.62 -16.22 33.30
N ASN A 122 5.27 -17.10 32.36
CA ASN A 122 4.32 -16.76 31.32
C ASN A 122 2.95 -16.30 31.83
N ALA A 123 2.35 -17.10 32.71
CA ALA A 123 1.02 -16.78 33.24
C ALA A 123 0.87 -15.37 33.78
N PRO A 124 1.76 -14.95 34.70
CA PRO A 124 1.69 -13.60 35.28
C PRO A 124 1.65 -12.49 34.24
N HIS A 125 2.44 -12.64 33.18
CA HIS A 125 2.47 -11.63 32.13
C HIS A 125 1.13 -11.58 31.40
N LEU A 126 0.59 -12.74 31.06
CA LEU A 126 -0.68 -12.80 30.37
C LEU A 126 -1.76 -12.16 31.24
N MET A 127 -1.77 -12.52 32.52
CA MET A 127 -2.76 -11.95 33.44
C MET A 127 -2.63 -10.43 33.43
N GLN A 128 -1.41 -9.92 33.45
CA GLN A 128 -1.22 -8.48 33.42
C GLN A 128 -1.81 -7.88 32.15
N ASP A 129 -1.49 -8.46 31.00
CA ASP A 129 -2.00 -7.96 29.73
C ASP A 129 -3.53 -8.00 29.70
N LEU A 130 -4.11 -9.10 30.16
CA LEU A 130 -5.55 -9.24 30.17
C LEU A 130 -6.16 -8.16 31.06
N ASP A 131 -5.59 -8.00 32.25
CA ASP A 131 -6.06 -7.03 33.20
C ASP A 131 -6.00 -5.63 32.60
N THR A 132 -4.91 -5.32 31.91
CA THR A 132 -4.76 -4.03 31.29
C THR A 132 -5.77 -3.86 30.16
N TYR A 133 -6.00 -4.95 29.43
CA TYR A 133 -6.94 -4.95 28.31
C TYR A 133 -8.37 -4.67 28.81
N LEU A 134 -8.75 -5.32 29.91
CA LEU A 134 -10.09 -5.14 30.47
C LEU A 134 -10.29 -3.73 31.03
N GLY A 135 -9.23 -3.16 31.60
CA GLY A 135 -9.34 -1.84 32.17
C GLY A 135 -10.41 -1.84 33.24
N GLY A 136 -11.17 -0.75 33.33
CA GLY A 136 -12.23 -0.68 34.32
C GLY A 136 -13.55 -1.11 33.72
N ARG A 137 -13.49 -1.68 32.53
CA ARG A 137 -14.71 -2.11 31.85
C ARG A 137 -15.37 -3.32 32.52
N GLU A 138 -16.67 -3.44 32.27
CA GLU A 138 -17.49 -4.51 32.84
C GLU A 138 -17.23 -5.87 32.23
N TRP A 139 -17.15 -5.93 30.90
CA TRP A 139 -16.88 -7.18 30.20
C TRP A 139 -15.67 -6.98 29.28
N LEU A 140 -15.06 -8.08 28.83
CA LEU A 140 -13.89 -8.00 27.97
C LEU A 140 -14.12 -7.24 26.67
N ILE A 141 -15.24 -7.52 26.01
CA ILE A 141 -15.57 -6.84 24.76
C ILE A 141 -16.94 -6.18 24.86
N GLY A 142 -17.05 -4.95 24.38
CA GLY A 142 -18.32 -4.25 24.39
C GLY A 142 -18.90 -3.93 25.76
N MET A 143 -20.21 -3.73 25.79
CA MET A 143 -20.89 -3.41 27.05
C MET A 143 -21.79 -4.52 27.55
N SER A 144 -21.68 -5.69 26.93
CA SER A 144 -22.47 -6.85 27.35
C SER A 144 -21.62 -8.11 27.25
N VAL A 145 -22.00 -9.14 27.99
CA VAL A 145 -21.25 -10.38 27.98
C VAL A 145 -21.18 -11.01 26.59
N THR A 146 -20.07 -11.69 26.32
CA THR A 146 -19.85 -12.40 25.07
C THR A 146 -19.18 -13.71 25.47
N TRP A 147 -19.10 -14.66 24.55
CA TRP A 147 -18.48 -15.93 24.89
C TRP A 147 -17.00 -15.81 25.24
N ALA A 148 -16.42 -14.63 25.00
CA ALA A 148 -15.02 -14.41 25.35
C ALA A 148 -14.93 -14.39 26.88
N ASP A 149 -15.91 -13.75 27.52
CA ASP A 149 -15.93 -13.70 28.98
C ASP A 149 -16.10 -15.13 29.49
N PHE A 150 -16.96 -15.89 28.81
CA PHE A 150 -17.18 -17.28 29.18
C PHE A 150 -15.85 -18.03 29.16
N TYR A 151 -15.11 -17.85 28.07
CA TYR A 151 -13.84 -18.52 27.90
C TYR A 151 -12.82 -18.10 28.97
N TRP A 152 -12.84 -16.82 29.33
CA TRP A 152 -11.93 -16.33 30.35
C TRP A 152 -12.18 -17.05 31.67
N GLU A 153 -13.44 -17.14 32.06
CA GLU A 153 -13.81 -17.81 33.31
C GLU A 153 -13.45 -19.29 33.29
N ILE A 154 -13.65 -19.93 32.14
CA ILE A 154 -13.35 -21.35 31.99
C ILE A 154 -11.85 -21.61 32.06
N CYS A 155 -11.07 -20.85 31.28
CA CYS A 155 -9.62 -20.99 31.27
C CYS A 155 -9.02 -20.67 32.65
N SER A 156 -9.46 -19.57 33.25
CA SER A 156 -8.93 -19.19 34.56
C SER A 156 -9.27 -20.21 35.64
N THR A 157 -10.41 -20.89 35.51
CA THR A 157 -10.80 -21.89 36.50
C THR A 157 -9.75 -23.00 36.54
N THR A 158 -9.38 -23.48 35.37
CA THR A 158 -8.38 -24.54 35.30
C THR A 158 -7.01 -24.06 35.77
N LEU A 159 -6.62 -22.86 35.36
CA LEU A 159 -5.33 -22.30 35.77
C LEU A 159 -5.24 -22.13 37.29
N LEU A 160 -6.36 -21.78 37.91
CA LEU A 160 -6.38 -21.60 39.36
C LEU A 160 -6.12 -22.91 40.10
N VAL A 161 -6.48 -24.02 39.46
CA VAL A 161 -6.27 -25.33 40.06
C VAL A 161 -4.78 -25.60 40.29
N PHE A 162 -3.94 -25.13 39.37
CA PHE A 162 -2.51 -25.34 39.49
C PHE A 162 -1.80 -24.16 40.14
N LYS A 163 -2.35 -22.96 39.98
CA LYS A 163 -1.75 -21.77 40.56
C LYS A 163 -2.82 -20.90 41.24
N PRO A 164 -3.20 -21.27 42.47
CA PRO A 164 -4.21 -20.58 43.29
C PRO A 164 -4.04 -19.06 43.45
N ASP A 165 -2.79 -18.59 43.42
CA ASP A 165 -2.54 -17.15 43.59
C ASP A 165 -2.47 -16.38 42.28
N LEU A 166 -2.80 -17.05 41.17
CA LEU A 166 -2.76 -16.43 39.84
C LEU A 166 -3.41 -15.05 39.76
N LEU A 167 -4.55 -14.88 40.43
CA LEU A 167 -5.28 -13.61 40.39
C LEU A 167 -5.21 -12.72 41.62
N ASP A 168 -4.29 -13.02 42.54
CA ASP A 168 -4.17 -12.22 43.76
C ASP A 168 -3.95 -10.74 43.47
N ASN A 169 -3.20 -10.43 42.41
CA ASN A 169 -2.92 -9.05 42.06
C ASN A 169 -3.81 -8.49 40.97
N HIS A 170 -4.85 -9.22 40.59
CA HIS A 170 -5.75 -8.74 39.55
C HIS A 170 -7.21 -8.94 39.95
N PRO A 171 -7.67 -8.20 40.98
CA PRO A 171 -9.05 -8.31 41.45
C PRO A 171 -10.11 -8.05 40.36
N ARG A 172 -9.77 -7.21 39.39
CA ARG A 172 -10.71 -6.91 38.32
C ARG A 172 -11.01 -8.14 37.46
N LEU A 173 -10.02 -9.02 37.30
CA LEU A 173 -10.23 -10.24 36.52
C LEU A 173 -11.05 -11.23 37.35
N VAL A 174 -10.91 -11.13 38.67
CA VAL A 174 -11.66 -11.99 39.57
C VAL A 174 -13.12 -11.54 39.56
N THR A 175 -13.33 -10.24 39.52
CA THR A 175 -14.67 -9.68 39.50
C THR A 175 -15.39 -10.13 38.23
N LEU A 176 -14.65 -10.17 37.12
CA LEU A 176 -15.21 -10.60 35.85
C LEU A 176 -15.61 -12.07 35.96
N ARG A 177 -14.75 -12.89 36.56
CA ARG A 177 -15.04 -14.31 36.76
C ARG A 177 -16.36 -14.49 37.49
N LYS A 178 -16.55 -13.73 38.57
CA LYS A 178 -17.78 -13.81 39.35
C LYS A 178 -18.99 -13.34 38.56
N LYS A 179 -18.82 -12.31 37.74
CA LYS A 179 -19.93 -11.82 36.93
C LYS A 179 -20.45 -12.95 36.06
N VAL A 180 -19.53 -13.64 35.39
CA VAL A 180 -19.92 -14.74 34.52
C VAL A 180 -20.63 -15.82 35.32
N GLN A 181 -20.03 -16.18 36.47
CA GLN A 181 -20.58 -17.22 37.33
C GLN A 181 -21.93 -16.84 37.94
N ALA A 182 -22.23 -15.55 37.99
CA ALA A 182 -23.50 -15.07 38.54
C ALA A 182 -24.63 -15.06 37.51
N ILE A 183 -24.30 -15.28 36.24
CA ILE A 183 -25.32 -15.31 35.22
C ILE A 183 -26.16 -16.56 35.52
N PRO A 184 -27.48 -16.38 35.74
CA PRO A 184 -28.42 -17.47 36.06
C PRO A 184 -28.22 -18.80 35.33
N ALA A 185 -28.29 -18.78 34.02
CA ALA A 185 -28.12 -20.00 33.23
C ALA A 185 -26.76 -20.65 33.47
N VAL A 186 -25.71 -19.83 33.60
CA VAL A 186 -24.37 -20.36 33.83
C VAL A 186 -24.25 -20.89 35.26
N ALA A 187 -24.73 -20.12 36.23
CA ALA A 187 -24.68 -20.55 37.63
C ALA A 187 -25.39 -21.90 37.78
N ASN A 188 -26.51 -22.05 37.11
CA ASN A 188 -27.24 -23.31 37.19
C ASN A 188 -26.40 -24.44 36.62
N TRP A 189 -25.63 -24.16 35.58
CA TRP A 189 -24.80 -25.18 34.98
C TRP A 189 -23.63 -25.54 35.88
N ILE A 190 -22.96 -24.52 36.39
CA ILE A 190 -21.82 -24.72 37.28
C ILE A 190 -22.25 -25.53 38.51
N LYS A 191 -23.52 -25.40 38.87
CA LYS A 191 -24.06 -26.09 40.04
C LYS A 191 -24.32 -27.57 39.77
N ARG A 192 -24.94 -27.86 38.63
CA ARG A 192 -25.28 -29.24 38.28
C ARG A 192 -24.25 -30.04 37.50
N ARG A 193 -23.24 -29.38 36.94
CA ARG A 193 -22.24 -30.08 36.16
C ARG A 193 -21.41 -31.07 36.98
N PRO A 194 -20.95 -32.15 36.32
CA PRO A 194 -20.14 -33.17 37.00
C PRO A 194 -18.87 -32.53 37.53
N GLN A 195 -18.48 -32.89 38.75
CA GLN A 195 -17.27 -32.33 39.35
C GLN A 195 -16.04 -33.10 38.91
N THR A 196 -15.17 -32.43 38.18
CA THR A 196 -13.95 -33.05 37.69
C THR A 196 -12.78 -32.09 37.93
N LYS A 197 -11.57 -32.65 38.01
CA LYS A 197 -10.39 -31.83 38.24
C LYS A 197 -10.18 -30.80 37.14
N LEU A 198 -10.24 -31.25 35.90
CA LEU A 198 -10.04 -30.35 34.76
C LEU A 198 -11.20 -30.43 33.76
N PRO B 1 25.75 39.82 -14.90
CA PRO B 1 26.41 38.51 -14.64
C PRO B 1 26.88 37.93 -15.96
N ASN B 2 27.85 37.02 -15.91
CA ASN B 2 28.33 36.38 -17.12
C ASN B 2 27.42 35.20 -17.43
N TYR B 3 26.75 35.24 -18.58
CA TYR B 3 25.85 34.18 -18.98
C TYR B 3 26.40 33.35 -20.13
N LYS B 4 26.42 32.04 -19.95
CA LYS B 4 26.89 31.14 -21.00
C LYS B 4 25.85 30.03 -21.20
N LEU B 5 25.19 30.06 -22.35
CA LEU B 5 24.19 29.06 -22.70
C LEU B 5 24.83 27.97 -23.55
N THR B 6 24.66 26.73 -23.15
CA THR B 6 25.22 25.61 -23.90
C THR B 6 24.10 24.73 -24.42
N TYR B 7 24.14 24.43 -25.71
CA TYR B 7 23.13 23.58 -26.35
C TYR B 7 23.63 23.16 -27.72
N PHE B 8 22.83 22.38 -28.44
CA PHE B 8 23.18 21.93 -29.78
C PHE B 8 23.01 23.14 -30.71
N ASN B 9 23.49 23.03 -31.94
CA ASN B 9 23.33 24.11 -32.89
C ASN B 9 21.97 23.98 -33.56
N MET B 10 20.94 24.36 -32.83
CA MET B 10 19.56 24.34 -33.31
C MET B 10 18.71 25.13 -32.32
N ARG B 11 17.49 25.49 -32.73
CA ARG B 11 16.62 26.24 -31.84
C ARG B 11 16.24 25.36 -30.66
N GLY B 12 15.54 24.27 -30.96
CA GLY B 12 15.13 23.30 -29.95
C GLY B 12 14.61 23.85 -28.64
N ARG B 13 15.03 23.22 -27.55
CA ARG B 13 14.61 23.61 -26.21
C ARG B 13 15.34 24.83 -25.66
N ALA B 14 16.34 25.30 -26.38
CA ALA B 14 17.11 26.46 -25.93
C ALA B 14 16.64 27.78 -26.49
N GLU B 15 15.92 27.73 -27.61
CA GLU B 15 15.44 28.94 -28.26
C GLU B 15 14.63 29.86 -27.33
N ILE B 16 13.79 29.27 -26.48
CA ILE B 16 12.99 30.09 -25.57
C ILE B 16 13.91 30.95 -24.71
N ILE B 17 15.04 30.39 -24.31
CA ILE B 17 16.00 31.14 -23.51
C ILE B 17 16.62 32.25 -24.36
N ARG B 18 16.99 31.91 -25.60
CA ARG B 18 17.60 32.89 -26.49
C ARG B 18 16.63 34.05 -26.74
N TYR B 19 15.34 33.77 -26.85
CA TYR B 19 14.33 34.81 -27.08
C TYR B 19 14.26 35.75 -25.88
N ILE B 20 14.33 35.17 -24.68
CA ILE B 20 14.28 35.96 -23.46
C ILE B 20 15.47 36.91 -23.35
N PHE B 21 16.65 36.40 -23.69
CA PHE B 21 17.85 37.23 -23.63
C PHE B 21 17.75 38.38 -24.62
N ALA B 22 17.26 38.07 -25.82
CA ALA B 22 17.12 39.09 -26.86
C ALA B 22 16.14 40.17 -26.43
N TYR B 23 14.98 39.75 -25.97
CA TYR B 23 13.95 40.69 -25.53
C TYR B 23 14.44 41.59 -24.41
N LEU B 24 15.08 41.00 -23.41
CA LEU B 24 15.59 41.77 -22.26
C LEU B 24 16.86 42.53 -22.60
N ASP B 25 17.39 42.29 -23.79
CA ASP B 25 18.61 42.94 -24.25
C ASP B 25 19.78 42.59 -23.34
N ILE B 26 19.96 41.29 -23.13
CA ILE B 26 21.03 40.80 -22.28
C ILE B 26 22.07 40.03 -23.07
N GLN B 27 23.33 40.42 -22.91
CA GLN B 27 24.43 39.78 -23.60
C GLN B 27 24.79 38.46 -22.93
N TYR B 28 25.02 37.43 -23.75
CA TYR B 28 25.36 36.11 -23.24
C TYR B 28 26.14 35.36 -24.32
N GLU B 29 26.83 34.30 -23.92
CA GLU B 29 27.59 33.51 -24.88
C GLU B 29 26.69 32.39 -25.36
N ASP B 30 26.34 32.41 -26.64
CA ASP B 30 25.48 31.39 -27.22
C ASP B 30 26.36 30.24 -27.69
N HIS B 31 26.79 29.41 -26.74
CA HIS B 31 27.65 28.28 -27.04
C HIS B 31 26.88 27.09 -27.64
N ARG B 32 27.17 26.80 -28.91
CA ARG B 32 26.53 25.71 -29.63
C ARG B 32 27.54 24.60 -29.87
N ILE B 33 27.20 23.38 -29.47
CA ILE B 33 28.10 22.26 -29.64
C ILE B 33 27.62 21.30 -30.71
N GLU B 34 28.50 20.36 -31.08
CA GLU B 34 28.20 19.36 -32.07
C GLU B 34 28.21 18.00 -31.37
N GLN B 35 27.62 16.99 -31.99
CA GLN B 35 27.58 15.66 -31.41
C GLN B 35 28.97 15.21 -30.97
N ALA B 36 29.99 15.62 -31.71
CA ALA B 36 31.37 15.24 -31.39
C ALA B 36 31.85 15.74 -30.03
N ASP B 37 31.28 16.85 -29.54
CA ASP B 37 31.68 17.39 -28.25
C ASP B 37 30.82 16.85 -27.12
N TRP B 38 29.56 16.59 -27.40
CA TRP B 38 28.60 16.09 -26.43
C TRP B 38 29.17 15.05 -25.45
N PRO B 39 29.80 13.98 -25.97
CA PRO B 39 30.38 12.92 -25.14
C PRO B 39 30.99 13.40 -23.82
N GLU B 40 32.07 14.16 -23.91
CA GLU B 40 32.75 14.66 -22.72
C GLU B 40 32.00 15.76 -21.99
N ILE B 41 31.16 16.48 -22.71
CA ILE B 41 30.36 17.56 -22.10
C ILE B 41 29.35 16.97 -21.13
N LYS B 42 28.60 15.98 -21.63
CA LYS B 42 27.57 15.31 -20.84
C LYS B 42 28.09 14.83 -19.50
N SER B 43 29.20 14.10 -19.52
CA SER B 43 29.82 13.56 -18.32
C SER B 43 30.08 14.59 -17.23
N THR B 44 30.02 15.87 -17.60
CA THR B 44 30.27 16.94 -16.64
C THR B 44 29.00 17.53 -16.08
N LEU B 45 27.89 17.38 -16.82
CA LEU B 45 26.61 17.93 -16.41
C LEU B 45 25.92 17.15 -15.28
N PRO B 46 25.19 17.86 -14.41
CA PRO B 46 24.45 17.32 -13.27
C PRO B 46 23.54 16.16 -13.63
N PHE B 47 22.69 16.38 -14.62
CA PHE B 47 21.77 15.32 -15.03
C PHE B 47 21.93 14.89 -16.49
N GLY B 48 23.13 15.14 -17.02
CA GLY B 48 23.46 14.76 -18.39
C GLY B 48 22.56 15.27 -19.50
N LYS B 49 21.94 16.42 -19.29
CA LYS B 49 21.05 16.98 -20.30
C LYS B 49 21.34 18.45 -20.59
N ILE B 50 21.01 18.87 -21.80
CA ILE B 50 21.18 20.27 -22.19
C ILE B 50 19.80 20.71 -22.66
N PRO B 51 19.57 22.03 -22.73
CA PRO B 51 20.49 23.13 -22.40
C PRO B 51 20.79 23.34 -20.93
N ILE B 52 21.90 24.03 -20.68
CA ILE B 52 22.31 24.41 -19.34
C ILE B 52 22.67 25.87 -19.50
N LEU B 53 22.65 26.62 -18.40
CA LEU B 53 22.99 28.04 -18.43
C LEU B 53 23.94 28.30 -17.27
N GLU B 54 25.14 28.77 -17.59
CA GLU B 54 26.10 29.07 -16.55
C GLU B 54 26.02 30.55 -16.22
N VAL B 55 25.84 30.84 -14.93
CA VAL B 55 25.74 32.20 -14.45
C VAL B 55 26.93 32.42 -13.52
N ASP B 56 27.93 33.14 -14.00
CA ASP B 56 29.12 33.41 -13.22
C ASP B 56 29.69 32.09 -12.69
N GLY B 57 29.81 31.11 -13.59
CA GLY B 57 30.36 29.82 -13.20
C GLY B 57 29.38 28.81 -12.61
N LEU B 58 28.24 29.30 -12.11
CA LEU B 58 27.23 28.41 -11.52
C LEU B 58 26.33 27.83 -12.62
N THR B 59 26.15 26.51 -12.60
CA THR B 59 25.34 25.85 -13.61
C THR B 59 23.88 25.66 -13.23
N LEU B 60 23.00 26.02 -14.16
CA LEU B 60 21.55 25.88 -13.99
C LEU B 60 21.10 24.97 -15.13
N HIS B 61 20.10 24.13 -14.90
CA HIS B 61 19.61 23.24 -15.96
C HIS B 61 18.09 23.29 -16.07
N GLN B 62 17.56 22.56 -17.06
CA GLN B 62 16.12 22.51 -17.37
C GLN B 62 15.68 23.81 -18.03
N SER B 63 15.47 23.77 -19.35
CA SER B 63 15.10 24.95 -20.13
C SER B 63 13.99 25.83 -19.56
N LEU B 64 12.91 25.22 -19.08
CA LEU B 64 11.80 25.98 -18.55
C LEU B 64 12.11 26.58 -17.19
N ALA B 65 12.88 25.87 -16.38
CA ALA B 65 13.26 26.38 -15.06
C ALA B 65 14.11 27.62 -15.28
N ILE B 66 15.00 27.54 -16.26
CA ILE B 66 15.90 28.64 -16.61
C ILE B 66 15.08 29.79 -17.20
N ALA B 67 14.17 29.47 -18.12
CA ALA B 67 13.35 30.50 -18.73
C ALA B 67 12.55 31.29 -17.67
N ARG B 68 11.99 30.57 -16.69
CA ARG B 68 11.22 31.21 -15.63
C ARG B 68 12.14 32.08 -14.77
N TYR B 69 13.34 31.56 -14.51
CA TYR B 69 14.33 32.28 -13.71
C TYR B 69 14.64 33.66 -14.30
N LEU B 70 14.91 33.67 -15.61
CA LEU B 70 15.24 34.90 -16.31
C LEU B 70 14.11 35.91 -16.45
N THR B 71 12.87 35.43 -16.51
CA THR B 71 11.73 36.32 -16.67
C THR B 71 11.15 36.83 -15.36
N LYS B 72 11.55 36.22 -14.26
CA LYS B 72 11.05 36.64 -12.96
C LYS B 72 11.40 38.11 -12.76
N ASN B 73 10.44 38.88 -12.27
CA ASN B 73 10.63 40.31 -12.01
C ASN B 73 10.73 41.13 -13.31
N THR B 74 10.28 40.56 -14.42
CA THR B 74 10.30 41.28 -15.70
C THR B 74 8.87 41.36 -16.21
N ASP B 75 8.66 42.07 -17.31
CA ASP B 75 7.32 42.23 -17.86
C ASP B 75 6.85 41.00 -18.65
N LEU B 76 7.67 39.96 -18.68
CA LEU B 76 7.31 38.75 -19.41
C LEU B 76 6.75 37.65 -18.51
N ALA B 77 6.69 37.91 -17.21
CA ALA B 77 6.25 36.90 -16.25
C ALA B 77 4.76 36.68 -16.00
N GLY B 78 3.97 37.75 -16.09
CA GLY B 78 2.54 37.65 -15.81
C GLY B 78 2.31 38.75 -14.78
N ASN B 79 1.17 39.40 -14.82
CA ASN B 79 0.92 40.53 -13.92
C ASN B 79 0.40 40.23 -12.52
N THR B 80 0.05 38.98 -12.26
CA THR B 80 -0.41 38.55 -10.95
C THR B 80 0.08 37.11 -10.79
N GLU B 81 0.11 36.59 -9.58
CA GLU B 81 0.55 35.26 -9.35
C GLU B 81 -0.36 34.28 -10.13
N MET B 82 -1.65 34.59 -10.17
CA MET B 82 -2.59 33.77 -10.87
C MET B 82 -2.23 33.71 -12.36
N GLU B 83 -1.95 34.86 -12.95
CA GLU B 83 -1.58 34.92 -14.36
C GLU B 83 -0.23 34.25 -14.59
N GLN B 84 0.64 34.31 -13.58
CA GLN B 84 1.94 33.65 -13.69
C GLN B 84 1.67 32.14 -13.75
N CYS B 85 0.64 31.69 -13.05
CA CYS B 85 0.30 30.28 -13.08
C CYS B 85 -0.18 29.91 -14.49
N HIS B 86 -0.99 30.79 -15.09
CA HIS B 86 -1.50 30.54 -16.43
C HIS B 86 -0.35 30.43 -17.43
N VAL B 87 0.61 31.34 -17.32
CA VAL B 87 1.78 31.32 -18.18
C VAL B 87 2.51 29.99 -18.04
N ASP B 88 2.74 29.55 -16.80
CA ASP B 88 3.42 28.28 -16.59
C ASP B 88 2.61 27.10 -17.15
N ALA B 89 1.29 27.15 -16.96
CA ALA B 89 0.41 26.08 -17.43
C ALA B 89 0.41 25.94 -18.96
N ILE B 90 0.33 27.06 -19.66
CA ILE B 90 0.35 27.04 -21.11
C ILE B 90 1.68 26.49 -21.60
N VAL B 91 2.77 26.92 -20.96
CA VAL B 91 4.09 26.46 -21.35
C VAL B 91 4.24 24.95 -21.17
N ASP B 92 3.77 24.41 -20.04
CA ASP B 92 3.85 22.97 -19.79
C ASP B 92 2.92 22.19 -20.74
N THR B 93 1.81 22.78 -21.14
CA THR B 93 0.89 22.10 -22.05
C THR B 93 1.60 21.96 -23.41
N LEU B 94 2.27 23.02 -23.83
CA LEU B 94 3.00 23.01 -25.09
C LEU B 94 4.22 22.10 -24.98
N ASP B 95 4.92 22.17 -23.86
CA ASP B 95 6.11 21.35 -23.64
C ASP B 95 5.72 19.87 -23.60
N ASP B 96 4.59 19.57 -22.96
CA ASP B 96 4.09 18.20 -22.86
C ASP B 96 3.94 17.61 -24.25
N PHE B 97 3.33 18.37 -25.15
CA PHE B 97 3.14 17.89 -26.52
C PHE B 97 4.44 17.75 -27.30
N MET B 98 5.26 18.79 -27.31
CA MET B 98 6.54 18.73 -28.03
C MET B 98 7.38 17.57 -27.54
N SER B 99 7.34 17.31 -26.23
CA SER B 99 8.12 16.21 -25.67
C SER B 99 7.56 14.84 -26.04
N CYS B 100 6.36 14.80 -26.61
CA CYS B 100 5.76 13.52 -27.01
C CYS B 100 6.43 12.94 -28.26
N PHE B 101 7.00 13.81 -29.08
CA PHE B 101 7.66 13.36 -30.30
C PHE B 101 8.93 12.58 -30.04
N PRO B 102 9.08 11.42 -30.71
CA PRO B 102 10.27 10.58 -30.55
C PRO B 102 11.44 11.14 -31.35
N TRP B 103 11.92 12.31 -30.94
CA TRP B 103 13.03 12.97 -31.62
C TRP B 103 14.28 12.09 -31.69
N ALA B 104 14.49 11.27 -30.67
CA ALA B 104 15.67 10.41 -30.60
C ALA B 104 15.55 9.02 -31.22
N GLU B 105 14.36 8.62 -31.65
CA GLU B 105 14.19 7.31 -32.25
C GLU B 105 15.12 7.13 -33.45
N LYS B 106 15.67 5.93 -33.62
CA LYS B 106 16.59 5.68 -34.72
C LYS B 106 15.94 5.14 -36.00
N LYS B 107 14.84 4.41 -35.86
CA LYS B 107 14.14 3.87 -37.02
C LYS B 107 13.26 4.97 -37.60
N GLN B 108 13.84 5.77 -38.49
CA GLN B 108 13.15 6.90 -39.12
C GLN B 108 11.75 6.60 -39.64
N ASP B 109 11.41 5.32 -39.76
CA ASP B 109 10.09 4.93 -40.23
C ASP B 109 9.11 4.78 -39.06
N VAL B 110 9.47 3.96 -38.07
CA VAL B 110 8.62 3.78 -36.89
C VAL B 110 8.60 5.10 -36.14
N LYS B 111 9.57 5.94 -36.46
CA LYS B 111 9.69 7.25 -35.86
C LYS B 111 8.66 8.13 -36.52
N GLU B 112 8.47 7.94 -37.83
CA GLU B 112 7.50 8.72 -38.56
C GLU B 112 6.09 8.24 -38.28
N GLN B 113 5.95 7.04 -37.76
CA GLN B 113 4.63 6.52 -37.45
C GLN B 113 4.07 7.26 -36.24
N MET B 114 4.89 7.45 -35.22
CA MET B 114 4.47 8.17 -34.02
C MET B 114 4.31 9.65 -34.38
N PHE B 115 5.24 10.16 -35.19
CA PHE B 115 5.20 11.55 -35.63
C PHE B 115 3.89 11.79 -36.37
N ASN B 116 3.63 10.94 -37.35
CA ASN B 116 2.43 11.04 -38.17
C ASN B 116 1.16 11.08 -37.32
N GLU B 117 1.05 10.13 -36.41
CA GLU B 117 -0.13 10.06 -35.54
C GLU B 117 -0.26 11.29 -34.65
N LEU B 118 0.87 11.80 -34.17
CA LEU B 118 0.87 12.99 -33.33
C LEU B 118 0.47 14.23 -34.13
N LEU B 119 1.01 14.37 -35.33
CA LEU B 119 0.69 15.50 -36.19
C LEU B 119 -0.70 15.43 -36.79
N THR B 120 -1.08 14.25 -37.24
CA THR B 120 -2.39 14.05 -37.87
C THR B 120 -3.58 14.07 -36.92
N TYR B 121 -3.42 13.51 -35.72
CA TYR B 121 -4.53 13.46 -34.76
C TYR B 121 -4.41 14.39 -33.56
N ASN B 122 -3.39 14.19 -32.74
CA ASN B 122 -3.19 15.01 -31.55
C ASN B 122 -3.07 16.51 -31.83
N ALA B 123 -2.18 16.87 -32.75
CA ALA B 123 -1.94 18.27 -33.09
C ALA B 123 -3.20 19.12 -33.31
N PRO B 124 -4.11 18.68 -34.19
CA PRO B 124 -5.33 19.45 -34.47
C PRO B 124 -6.17 19.76 -33.22
N HIS B 125 -6.30 18.79 -32.33
CA HIS B 125 -7.07 19.01 -31.11
C HIS B 125 -6.41 20.06 -30.23
N LEU B 126 -5.10 19.96 -30.08
CA LEU B 126 -4.37 20.92 -29.27
C LEU B 126 -4.52 22.31 -29.89
N MET B 127 -4.35 22.40 -31.20
CA MET B 127 -4.49 23.70 -31.87
C MET B 127 -5.87 24.27 -31.60
N GLN B 128 -6.89 23.42 -31.64
CA GLN B 128 -8.25 23.86 -31.38
C GLN B 128 -8.38 24.39 -29.95
N ASP B 129 -7.91 23.63 -28.98
CA ASP B 129 -7.98 24.05 -27.58
C ASP B 129 -7.24 25.38 -27.36
N LEU B 130 -6.07 25.51 -27.98
CA LEU B 130 -5.29 26.73 -27.84
C LEU B 130 -6.05 27.91 -28.43
N ASP B 131 -6.63 27.69 -29.61
CA ASP B 131 -7.39 28.73 -30.30
C ASP B 131 -8.56 29.16 -29.43
N THR B 132 -9.29 28.19 -28.88
CA THR B 132 -10.42 28.50 -28.01
C THR B 132 -9.93 29.22 -26.75
N TYR B 133 -8.78 28.80 -26.26
CA TYR B 133 -8.20 29.41 -25.07
C TYR B 133 -7.85 30.89 -25.30
N LEU B 134 -7.27 31.17 -26.46
CA LEU B 134 -6.88 32.53 -26.82
C LEU B 134 -8.09 33.42 -27.07
N GLY B 135 -9.13 32.84 -27.65
CA GLY B 135 -10.32 33.62 -27.94
C GLY B 135 -9.93 34.78 -28.85
N GLY B 136 -10.52 35.94 -28.64
CA GLY B 136 -10.19 37.08 -29.47
C GLY B 136 -9.13 37.95 -28.81
N ARG B 137 -8.58 37.47 -27.71
CA ARG B 137 -7.57 38.23 -26.98
C ARG B 137 -6.29 38.47 -27.77
N GLU B 138 -5.55 39.50 -27.38
CA GLU B 138 -4.32 39.87 -28.06
C GLU B 138 -3.16 38.91 -27.75
N TRP B 139 -2.99 38.57 -26.47
CA TRP B 139 -1.93 37.65 -26.06
C TRP B 139 -2.54 36.49 -25.28
N LEU B 140 -1.81 35.38 -25.18
CA LEU B 140 -2.30 34.21 -24.46
C LEU B 140 -2.70 34.50 -23.02
N ILE B 141 -1.87 35.23 -22.30
CA ILE B 141 -2.16 35.58 -20.91
C ILE B 141 -2.12 37.09 -20.66
N GLY B 142 -3.14 37.61 -19.99
CA GLY B 142 -3.17 39.03 -19.69
C GLY B 142 -3.36 39.96 -20.87
N MET B 143 -2.97 41.22 -20.70
CA MET B 143 -3.11 42.22 -21.74
C MET B 143 -1.77 42.59 -22.41
N SER B 144 -0.72 41.88 -22.05
CA SER B 144 0.60 42.13 -22.63
C SER B 144 1.35 40.82 -22.86
N VAL B 145 2.35 40.86 -23.74
CA VAL B 145 3.14 39.68 -24.06
C VAL B 145 3.82 39.05 -22.83
N THR B 146 3.91 37.73 -22.83
CA THR B 146 4.58 36.98 -21.76
C THR B 146 5.41 35.93 -22.47
N TRP B 147 6.33 35.27 -21.75
CA TRP B 147 7.14 34.27 -22.41
C TRP B 147 6.35 33.08 -22.92
N ALA B 148 5.07 33.02 -22.55
CA ALA B 148 4.20 31.94 -23.02
C ALA B 148 3.94 32.16 -24.52
N ASP B 149 3.77 33.42 -24.90
CA ASP B 149 3.54 33.75 -26.31
C ASP B 149 4.82 33.40 -27.06
N PHE B 150 5.97 33.71 -26.46
CA PHE B 150 7.25 33.38 -27.07
C PHE B 150 7.31 31.87 -27.32
N TYR B 151 6.92 31.10 -26.29
CA TYR B 151 6.96 29.65 -26.40
C TYR B 151 6.04 29.14 -27.49
N TRP B 152 4.86 29.76 -27.61
CA TRP B 152 3.91 29.36 -28.64
C TRP B 152 4.51 29.53 -30.03
N GLU B 153 5.13 30.68 -30.26
CA GLU B 153 5.72 30.97 -31.56
C GLU B 153 6.85 29.98 -31.86
N ILE B 154 7.65 29.68 -30.84
CA ILE B 154 8.76 28.75 -30.98
C ILE B 154 8.30 27.32 -31.27
N CYS B 155 7.38 26.81 -30.47
CA CYS B 155 6.86 25.46 -30.67
C CYS B 155 6.15 25.34 -32.01
N SER B 156 5.30 26.32 -32.33
CA SER B 156 4.57 26.29 -33.59
C SER B 156 5.49 26.38 -34.79
N THR B 157 6.60 27.09 -34.66
CA THR B 157 7.54 27.19 -35.78
C THR B 157 8.04 25.80 -36.15
N THR B 158 8.47 25.04 -35.16
CA THR B 158 8.96 23.69 -35.41
C THR B 158 7.86 22.76 -35.94
N LEU B 159 6.67 22.86 -35.36
CA LEU B 159 5.55 22.03 -35.80
C LEU B 159 5.18 22.30 -37.25
N LEU B 160 5.30 23.56 -37.68
CA LEU B 160 4.97 23.93 -39.06
C LEU B 160 5.95 23.30 -40.07
N VAL B 161 7.14 22.95 -39.60
CA VAL B 161 8.14 22.32 -40.46
C VAL B 161 7.63 20.96 -40.92
N PHE B 162 6.95 20.25 -40.02
CA PHE B 162 6.44 18.93 -40.34
C PHE B 162 4.99 18.95 -40.83
N LYS B 163 4.23 19.95 -40.40
CA LYS B 163 2.85 20.06 -40.82
C LYS B 163 2.49 21.50 -41.18
N PRO B 164 2.80 21.92 -42.41
CA PRO B 164 2.56 23.26 -42.95
C PRO B 164 1.13 23.78 -42.83
N ASP B 165 0.15 22.88 -42.86
CA ASP B 165 -1.26 23.29 -42.78
C ASP B 165 -1.82 23.31 -41.36
N LEU B 166 -0.94 23.08 -40.39
CA LEU B 166 -1.33 23.04 -38.98
C LEU B 166 -2.24 24.18 -38.53
N LEU B 167 -1.98 25.38 -39.01
CA LEU B 167 -2.76 26.55 -38.63
C LEU B 167 -3.71 27.09 -39.70
N ASP B 168 -3.96 26.31 -40.74
CA ASP B 168 -4.86 26.75 -41.81
C ASP B 168 -6.24 27.13 -41.28
N ASN B 169 -6.69 26.40 -40.26
CA ASN B 169 -8.00 26.65 -39.67
C ASN B 169 -7.98 27.51 -38.42
N HIS B 170 -6.82 28.05 -38.08
CA HIS B 170 -6.73 28.89 -36.89
C HIS B 170 -5.96 30.18 -37.14
N PRO B 171 -6.52 31.08 -37.95
CA PRO B 171 -5.87 32.36 -38.27
C PRO B 171 -5.48 33.20 -37.05
N ARG B 172 -6.21 33.05 -35.94
CA ARG B 172 -5.90 33.82 -34.74
C ARG B 172 -4.56 33.39 -34.12
N LEU B 173 -4.25 32.11 -34.22
CA LEU B 173 -2.99 31.60 -33.69
C LEU B 173 -1.85 32.07 -34.59
N VAL B 174 -2.17 32.30 -35.87
CA VAL B 174 -1.19 32.79 -36.81
C VAL B 174 -0.92 34.25 -36.49
N THR B 175 -1.98 35.00 -36.22
CA THR B 175 -1.84 36.41 -35.90
C THR B 175 -0.97 36.58 -34.66
N LEU B 176 -1.15 35.69 -33.69
CA LEU B 176 -0.35 35.74 -32.47
C LEU B 176 1.12 35.50 -32.81
N ARG B 177 1.40 34.51 -33.64
CA ARG B 177 2.77 34.20 -34.04
C ARG B 177 3.42 35.44 -34.65
N LYS B 178 2.70 36.10 -35.56
CA LYS B 178 3.20 37.30 -36.21
C LYS B 178 3.46 38.43 -35.21
N LYS B 179 2.57 38.58 -34.24
CA LYS B 179 2.75 39.62 -33.25
C LYS B 179 4.08 39.42 -32.51
N VAL B 180 4.37 38.18 -32.15
CA VAL B 180 5.62 37.89 -31.45
C VAL B 180 6.80 38.18 -32.35
N GLN B 181 6.72 37.72 -33.59
CA GLN B 181 7.79 37.93 -34.56
C GLN B 181 8.00 39.39 -34.95
N ALA B 182 7.02 40.25 -34.65
CA ALA B 182 7.12 41.66 -34.98
C ALA B 182 7.73 42.48 -33.85
N ILE B 183 7.89 41.87 -32.67
CA ILE B 183 8.50 42.59 -31.55
C ILE B 183 9.94 42.83 -31.99
N PRO B 184 10.37 44.10 -32.08
CA PRO B 184 11.72 44.48 -32.49
C PRO B 184 12.86 43.56 -32.04
N ALA B 185 13.04 43.43 -30.73
CA ALA B 185 14.10 42.58 -30.19
C ALA B 185 14.03 41.17 -30.74
N VAL B 186 12.83 40.61 -30.79
CA VAL B 186 12.65 39.25 -31.29
C VAL B 186 12.88 39.21 -32.80
N ALA B 187 12.31 40.17 -33.53
CA ALA B 187 12.48 40.21 -34.97
C ALA B 187 13.97 40.25 -35.30
N ASN B 188 14.72 41.04 -34.56
CA ASN B 188 16.15 41.16 -34.78
C ASN B 188 16.85 39.82 -34.58
N TRP B 189 16.41 39.07 -33.57
CA TRP B 189 17.00 37.77 -33.30
C TRP B 189 16.68 36.76 -34.38
N ILE B 190 15.41 36.71 -34.77
CA ILE B 190 14.95 35.79 -35.81
C ILE B 190 15.71 36.05 -37.10
N LYS B 191 16.08 37.31 -37.32
CA LYS B 191 16.80 37.70 -38.53
C LYS B 191 18.26 37.24 -38.50
N ARG B 192 18.92 37.51 -37.38
CA ARG B 192 20.34 37.19 -37.21
C ARG B 192 20.69 35.76 -36.75
N ARG B 193 19.72 35.04 -36.20
CA ARG B 193 19.99 33.69 -35.71
C ARG B 193 20.41 32.67 -36.76
N PRO B 194 21.25 31.70 -36.36
CA PRO B 194 21.72 30.66 -37.29
C PRO B 194 20.51 29.93 -37.85
N GLN B 195 20.51 29.66 -39.15
CA GLN B 195 19.41 28.95 -39.78
C GLN B 195 19.59 27.44 -39.65
N THR B 196 18.70 26.82 -38.90
CA THR B 196 18.73 25.38 -38.69
C THR B 196 17.34 24.81 -38.88
N LYS B 197 17.25 23.53 -39.19
CA LYS B 197 15.95 22.89 -39.41
C LYS B 197 15.06 22.98 -38.17
N LEU B 198 15.60 22.61 -37.01
CA LEU B 198 14.83 22.65 -35.77
C LEU B 198 15.55 23.41 -34.67
N PRO C 1 -9.37 32.20 0.37
CA PRO C 1 -9.75 31.85 -1.02
C PRO C 1 -10.40 30.46 -1.00
N ASN C 2 -11.40 30.24 -1.87
CA ASN C 2 -12.03 28.94 -1.92
C ASN C 2 -11.31 28.09 -2.96
N TYR C 3 -10.85 26.91 -2.54
CA TYR C 3 -10.11 25.99 -3.39
C TYR C 3 -10.84 24.67 -3.62
N LYS C 4 -10.85 24.20 -4.86
CA LYS C 4 -11.45 22.92 -5.18
C LYS C 4 -10.55 22.20 -6.19
N LEU C 5 -9.89 21.15 -5.72
CA LEU C 5 -8.97 20.35 -6.54
C LEU C 5 -9.72 19.17 -7.13
N THR C 6 -9.61 18.99 -8.44
CA THR C 6 -10.28 17.89 -9.12
C THR C 6 -9.27 16.93 -9.75
N TYR C 7 -9.38 15.65 -9.39
CA TYR C 7 -8.52 14.61 -9.90
C TYR C 7 -9.20 13.26 -9.62
N PHE C 8 -8.59 12.18 -10.09
CA PHE C 8 -9.12 10.86 -9.85
C PHE C 8 -8.84 10.50 -8.40
N ASN C 9 -9.41 9.38 -7.96
CA ASN C 9 -9.18 8.92 -6.61
C ASN C 9 -7.84 8.17 -6.58
N MET C 10 -6.76 8.93 -6.62
CA MET C 10 -5.41 8.38 -6.57
C MET C 10 -4.42 9.49 -6.24
N ARG C 11 -3.20 9.13 -5.88
CA ARG C 11 -2.21 10.15 -5.57
C ARG C 11 -1.88 10.82 -6.90
N GLY C 12 -1.37 10.02 -7.83
CA GLY C 12 -1.04 10.50 -9.16
C GLY C 12 -0.36 11.86 -9.21
N ARG C 13 -0.76 12.66 -10.20
CA ARG C 13 -0.20 13.98 -10.43
C ARG C 13 -0.77 15.07 -9.54
N ALA C 14 -1.75 14.73 -8.72
CA ALA C 14 -2.37 15.71 -7.84
C ALA C 14 -1.76 15.67 -6.44
N GLU C 15 -1.11 14.57 -6.08
CA GLU C 15 -0.54 14.41 -4.75
C GLU C 15 0.39 15.55 -4.31
N ILE C 16 1.19 16.09 -5.22
CA ILE C 16 2.11 17.17 -4.86
C ILE C 16 1.33 18.37 -4.36
N ILE C 17 0.18 18.62 -4.99
CA ILE C 17 -0.67 19.74 -4.60
C ILE C 17 -1.24 19.44 -3.22
N ARG C 18 -1.67 18.20 -3.00
CA ARG C 18 -2.23 17.83 -1.69
C ARG C 18 -1.18 17.95 -0.57
N TYR C 19 0.07 17.62 -0.86
CA TYR C 19 1.12 17.74 0.15
C TYR C 19 1.29 19.21 0.54
N ILE C 20 1.25 20.08 -0.47
CA ILE C 20 1.41 21.50 -0.24
C ILE C 20 0.31 22.09 0.63
N PHE C 21 -0.94 21.77 0.32
CA PHE C 21 -2.06 22.25 1.12
C PHE C 21 -1.87 21.76 2.55
N ALA C 22 -1.49 20.49 2.69
CA ALA C 22 -1.29 19.90 4.01
C ALA C 22 -0.20 20.61 4.80
N TYR C 23 0.97 20.80 4.17
CA TYR C 23 2.09 21.46 4.82
C TYR C 23 1.75 22.89 5.25
N LEU C 24 1.05 23.61 4.38
CA LEU C 24 0.67 24.99 4.65
C LEU C 24 -0.58 25.13 5.52
N ASP C 25 -1.19 24.00 5.88
CA ASP C 25 -2.40 24.03 6.73
C ASP C 25 -3.50 24.84 6.03
N ILE C 26 -3.75 24.54 4.76
CA ILE C 26 -4.76 25.24 3.99
C ILE C 26 -5.93 24.31 3.67
N GLN C 27 -7.14 24.79 3.94
CA GLN C 27 -8.33 23.98 3.68
C GLN C 27 -8.65 24.02 2.19
N TYR C 28 -9.20 22.93 1.69
CA TYR C 28 -9.56 22.85 0.27
C TYR C 28 -10.47 21.65 0.03
N GLU C 29 -11.20 21.68 -1.08
CA GLU C 29 -12.08 20.57 -1.40
C GLU C 29 -11.28 19.58 -2.22
N ASP C 30 -11.04 18.39 -1.65
CA ASP C 30 -10.28 17.36 -2.34
C ASP C 30 -11.31 16.54 -3.11
N HIS C 31 -11.68 17.03 -4.30
CA HIS C 31 -12.69 16.37 -5.12
C HIS C 31 -12.10 15.22 -5.95
N ARG C 32 -12.47 13.99 -5.60
CA ARG C 32 -11.99 12.81 -6.32
C ARG C 32 -13.11 12.22 -7.16
N ILE C 33 -12.93 12.20 -8.47
CA ILE C 33 -13.95 11.66 -9.37
C ILE C 33 -13.71 10.22 -9.76
N GLU C 34 -14.80 9.51 -10.05
CA GLU C 34 -14.72 8.12 -10.49
C GLU C 34 -14.51 8.20 -11.99
N GLN C 35 -13.95 7.16 -12.57
CA GLN C 35 -13.69 7.14 -14.01
C GLN C 35 -14.93 7.48 -14.84
N ALA C 36 -16.06 6.88 -14.49
CA ALA C 36 -17.30 7.11 -15.23
C ALA C 36 -17.71 8.58 -15.29
N ASP C 37 -17.27 9.37 -14.30
CA ASP C 37 -17.61 10.79 -14.25
C ASP C 37 -16.60 11.68 -14.96
N TRP C 38 -15.57 11.07 -15.52
CA TRP C 38 -14.52 11.83 -16.21
C TRP C 38 -14.96 12.45 -17.54
N PRO C 39 -15.58 11.66 -18.43
CA PRO C 39 -16.03 12.18 -19.74
C PRO C 39 -16.77 13.51 -19.69
N GLU C 40 -17.89 13.55 -18.96
CA GLU C 40 -18.68 14.77 -18.87
C GLU C 40 -17.95 15.94 -18.23
N ILE C 41 -16.88 15.66 -17.49
CA ILE C 41 -16.10 16.72 -16.85
C ILE C 41 -15.03 17.20 -17.83
N LYS C 42 -14.44 16.23 -18.54
CA LYS C 42 -13.38 16.52 -19.51
C LYS C 42 -13.83 17.51 -20.58
N SER C 43 -15.06 17.35 -21.06
CA SER C 43 -15.61 18.22 -22.10
C SER C 43 -15.73 19.68 -21.68
N THR C 44 -15.56 19.94 -20.39
CA THR C 44 -15.68 21.30 -19.87
C THR C 44 -14.33 21.92 -19.50
N LEU C 45 -13.27 21.15 -19.66
CA LEU C 45 -11.93 21.63 -19.30
C LEU C 45 -11.21 22.33 -20.45
N PRO C 46 -10.24 23.20 -20.13
CA PRO C 46 -9.45 23.96 -21.10
C PRO C 46 -8.72 23.06 -22.09
N PHE C 47 -7.96 22.12 -21.55
CA PHE C 47 -7.20 21.21 -22.39
C PHE C 47 -7.50 19.75 -22.07
N GLY C 48 -8.72 19.53 -21.56
CA GLY C 48 -9.20 18.20 -21.24
C GLY C 48 -8.33 17.33 -20.36
N LYS C 49 -7.59 17.94 -19.42
CA LYS C 49 -6.75 17.15 -18.53
C LYS C 49 -6.90 17.60 -17.09
N ILE C 50 -6.61 16.69 -16.17
CA ILE C 50 -6.64 16.97 -14.75
C ILE C 50 -5.26 16.58 -14.24
N PRO C 51 -4.88 17.06 -13.04
CA PRO C 51 -5.67 17.90 -12.13
C PRO C 51 -5.91 19.34 -12.54
N ILE C 52 -6.96 19.91 -11.96
CA ILE C 52 -7.29 21.32 -12.14
C ILE C 52 -7.59 21.80 -10.74
N LEU C 53 -7.34 23.07 -10.49
CA LEU C 53 -7.60 23.66 -9.19
C LEU C 53 -8.41 24.90 -9.43
N GLU C 54 -9.62 24.94 -8.87
CA GLU C 54 -10.48 26.09 -9.02
C GLU C 54 -10.23 27.00 -7.82
N VAL C 55 -9.93 28.26 -8.10
CA VAL C 55 -9.66 29.24 -7.07
C VAL C 55 -10.62 30.41 -7.24
N ASP C 56 -11.52 30.57 -6.29
CA ASP C 56 -12.50 31.65 -6.32
C ASP C 56 -13.17 31.79 -7.70
N GLY C 57 -13.64 30.67 -8.23
CA GLY C 57 -14.33 30.67 -9.52
C GLY C 57 -13.49 30.59 -10.77
N LEU C 58 -12.17 30.67 -10.65
CA LEU C 58 -11.29 30.61 -11.81
C LEU C 58 -10.50 29.30 -11.81
N THR C 59 -10.40 28.69 -12.97
CA THR C 59 -9.73 27.40 -13.12
C THR C 59 -8.25 27.46 -13.51
N LEU C 60 -7.44 26.71 -12.78
CA LEU C 60 -6.02 26.59 -13.03
C LEU C 60 -5.75 25.16 -13.44
N HIS C 61 -4.79 24.94 -14.32
CA HIS C 61 -4.47 23.58 -14.76
C HIS C 61 -2.95 23.35 -14.72
N GLN C 62 -2.56 22.11 -15.00
CA GLN C 62 -1.15 21.68 -14.98
C GLN C 62 -0.67 21.57 -13.54
N SER C 63 -0.50 20.33 -13.09
CA SER C 63 -0.08 20.05 -11.71
C SER C 63 1.09 20.86 -11.17
N LEU C 64 2.18 20.94 -11.92
CA LEU C 64 3.36 21.66 -11.45
C LEU C 64 3.18 23.18 -11.45
N ALA C 65 2.39 23.67 -12.41
CA ALA C 65 2.11 25.11 -12.47
C ALA C 65 1.31 25.49 -11.23
N ILE C 66 0.36 24.63 -10.86
CA ILE C 66 -0.47 24.84 -9.68
C ILE C 66 0.38 24.74 -8.41
N ALA C 67 1.20 23.70 -8.33
CA ALA C 67 2.05 23.50 -7.17
C ALA C 67 2.94 24.74 -6.95
N ARG C 68 3.53 25.25 -8.02
CA ARG C 68 4.39 26.42 -7.91
C ARG C 68 3.60 27.62 -7.40
N TYR C 69 2.39 27.79 -7.91
CA TYR C 69 1.53 28.90 -7.52
C TYR C 69 1.23 28.86 -6.01
N LEU C 70 0.93 27.66 -5.52
CA LEU C 70 0.61 27.50 -4.10
C LEU C 70 1.79 27.72 -3.17
N THR C 71 3.01 27.51 -3.68
CA THR C 71 4.19 27.71 -2.84
C THR C 71 4.76 29.12 -2.90
N LYS C 72 4.29 29.91 -3.86
CA LYS C 72 4.79 31.28 -3.99
C LYS C 72 4.64 32.05 -2.67
N ASN C 73 5.72 32.71 -2.26
CA ASN C 73 5.75 33.47 -1.02
C ASN C 73 5.67 32.59 0.23
N THR C 74 6.16 31.36 0.15
CA THR C 74 6.16 30.47 1.30
C THR C 74 7.57 29.88 1.41
N ASP C 75 7.88 29.22 2.53
CA ASP C 75 9.22 28.66 2.67
C ASP C 75 9.48 27.39 1.83
N LEU C 76 8.48 26.95 1.08
CA LEU C 76 8.65 25.75 0.25
C LEU C 76 9.17 26.06 -1.15
N ALA C 77 9.07 27.33 -1.53
CA ALA C 77 9.47 27.78 -2.86
C ALA C 77 10.96 27.80 -3.19
N GLY C 78 11.78 28.09 -2.20
CA GLY C 78 13.21 28.18 -2.41
C GLY C 78 13.64 29.46 -1.71
N ASN C 79 14.83 29.43 -1.14
CA ASN C 79 15.35 30.56 -0.37
C ASN C 79 16.00 31.72 -1.14
N THR C 80 16.40 31.48 -2.39
CA THR C 80 16.99 32.51 -3.23
C THR C 80 16.45 32.32 -4.65
N GLU C 81 16.61 33.32 -5.50
CA GLU C 81 16.11 33.20 -6.86
C GLU C 81 16.76 32.02 -7.57
N MET C 82 18.05 31.81 -7.32
CA MET C 82 18.73 30.69 -7.96
C MET C 82 18.31 29.35 -7.37
N GLU C 83 18.01 29.31 -6.08
CA GLU C 83 17.59 28.05 -5.48
C GLU C 83 16.17 27.75 -5.94
N GLN C 84 15.38 28.79 -6.20
CA GLN C 84 14.02 28.60 -6.69
C GLN C 84 14.12 27.98 -8.10
N CYS C 85 15.19 28.33 -8.81
CA CYS C 85 15.41 27.78 -10.14
C CYS C 85 15.78 26.31 -10.01
N HIS C 86 16.62 26.00 -9.03
CA HIS C 86 17.04 24.62 -8.81
C HIS C 86 15.84 23.77 -8.41
N VAL C 87 14.93 24.35 -7.63
CA VAL C 87 13.72 23.62 -7.23
C VAL C 87 12.94 23.25 -8.50
N ASP C 88 12.68 24.22 -9.36
CA ASP C 88 11.94 23.97 -10.59
C ASP C 88 12.67 22.94 -11.46
N ALA C 89 13.99 23.05 -11.48
CA ALA C 89 14.82 22.15 -12.27
C ALA C 89 14.71 20.71 -11.79
N ILE C 90 14.86 20.49 -10.49
CA ILE C 90 14.76 19.13 -9.95
C ILE C 90 13.36 18.58 -10.20
N VAL C 91 12.35 19.40 -9.99
CA VAL C 91 10.97 18.99 -10.20
C VAL C 91 10.72 18.55 -11.66
N ASP C 92 11.19 19.32 -12.63
CA ASP C 92 11.00 18.93 -14.03
C ASP C 92 11.83 17.69 -14.37
N THR C 93 13.00 17.56 -13.76
CA THR C 93 13.84 16.39 -14.00
C THR C 93 13.08 15.13 -13.59
N LEU C 94 12.44 15.17 -12.42
CA LEU C 94 11.68 14.02 -11.94
C LEU C 94 10.43 13.78 -12.79
N ASP C 95 9.74 14.85 -13.15
CA ASP C 95 8.52 14.74 -13.95
C ASP C 95 8.82 14.19 -15.34
N ASP C 96 9.95 14.60 -15.91
CA ASP C 96 10.36 14.12 -17.23
C ASP C 96 10.47 12.59 -17.21
N PHE C 97 11.03 12.05 -16.13
CA PHE C 97 11.18 10.60 -16.03
C PHE C 97 9.83 9.93 -15.79
N MET C 98 9.02 10.47 -14.90
CA MET C 98 7.71 9.89 -14.62
C MET C 98 6.87 9.85 -15.91
N SER C 99 7.01 10.87 -16.75
CA SER C 99 6.25 10.93 -17.99
C SER C 99 6.70 9.90 -19.03
N CYS C 100 7.81 9.21 -18.75
CA CYS C 100 8.33 8.19 -19.66
C CYS C 100 7.53 6.89 -19.60
N PHE C 101 6.89 6.65 -18.46
CA PHE C 101 6.11 5.44 -18.29
C PHE C 101 4.78 5.43 -19.03
N PRO C 102 4.46 4.28 -19.67
CA PRO C 102 3.22 4.12 -20.44
C PRO C 102 2.03 3.87 -19.51
N TRP C 103 1.71 4.87 -18.69
CA TRP C 103 0.60 4.75 -17.75
C TRP C 103 -0.71 4.38 -18.42
N ALA C 104 -0.95 4.92 -19.61
CA ALA C 104 -2.18 4.69 -20.35
C ALA C 104 -2.25 3.34 -21.10
N GLU C 105 -1.12 2.86 -21.59
CA GLU C 105 -1.06 1.60 -22.35
C GLU C 105 -2.11 0.56 -21.94
N LYS C 106 -2.92 0.15 -22.91
CA LYS C 106 -3.97 -0.83 -22.69
C LYS C 106 -3.46 -2.26 -22.54
N LYS C 107 -2.56 -2.66 -23.44
CA LYS C 107 -1.99 -4.01 -23.40
C LYS C 107 -1.11 -4.13 -22.15
N GLN C 108 -1.53 -5.01 -21.24
CA GLN C 108 -0.82 -5.21 -19.98
C GLN C 108 0.59 -5.76 -20.10
N ASP C 109 0.80 -6.72 -21.00
CA ASP C 109 2.13 -7.30 -21.17
C ASP C 109 3.16 -6.29 -21.65
N VAL C 110 2.81 -5.51 -22.69
CA VAL C 110 3.74 -4.51 -23.21
C VAL C 110 4.03 -3.44 -22.16
N LYS C 111 3.00 -3.01 -21.45
CA LYS C 111 3.14 -1.99 -20.42
C LYS C 111 4.12 -2.46 -19.34
N GLU C 112 3.88 -3.66 -18.82
CA GLU C 112 4.71 -4.25 -17.78
C GLU C 112 6.16 -4.38 -18.25
N GLN C 113 6.34 -4.79 -19.50
CA GLN C 113 7.67 -4.94 -20.08
C GLN C 113 8.42 -3.61 -20.10
N MET C 114 7.76 -2.56 -20.58
CA MET C 114 8.40 -1.25 -20.64
C MET C 114 8.68 -0.72 -19.24
N PHE C 115 7.77 -0.95 -18.31
CA PHE C 115 7.97 -0.49 -16.94
C PHE C 115 9.26 -1.10 -16.41
N ASN C 116 9.38 -2.42 -16.53
CA ASN C 116 10.55 -3.13 -16.05
C ASN C 116 11.83 -2.66 -16.73
N GLU C 117 11.76 -2.40 -18.04
CA GLU C 117 12.94 -1.94 -18.78
C GLU C 117 13.37 -0.56 -18.27
N LEU C 118 12.41 0.34 -18.14
CA LEU C 118 12.69 1.69 -17.66
C LEU C 118 13.30 1.69 -16.26
N LEU C 119 12.74 0.87 -15.37
CA LEU C 119 13.22 0.80 -14.00
C LEU C 119 14.56 0.09 -13.85
N THR C 120 14.87 -0.78 -14.80
CA THR C 120 16.13 -1.53 -14.74
C THR C 120 17.27 -0.86 -15.49
N TYR C 121 17.00 -0.39 -16.69
CA TYR C 121 18.01 0.23 -17.52
C TYR C 121 18.10 1.76 -17.45
N ASN C 122 17.00 2.41 -17.09
CA ASN C 122 17.02 3.88 -17.06
C ASN C 122 17.05 4.51 -15.68
N ALA C 123 16.20 4.04 -14.77
CA ALA C 123 16.14 4.59 -13.43
C ALA C 123 17.48 4.66 -12.68
N PRO C 124 18.30 3.60 -12.76
CA PRO C 124 19.60 3.62 -12.05
C PRO C 124 20.43 4.89 -12.32
N HIS C 125 20.42 5.35 -13.56
CA HIS C 125 21.22 6.52 -13.89
C HIS C 125 20.66 7.80 -13.27
N LEU C 126 19.33 7.89 -13.19
CA LEU C 126 18.71 9.07 -12.59
C LEU C 126 18.93 9.03 -11.08
N MET C 127 18.79 7.85 -10.50
CA MET C 127 18.98 7.70 -9.07
C MET C 127 20.39 8.12 -8.67
N GLN C 128 21.38 7.74 -9.46
CA GLN C 128 22.76 8.12 -9.15
C GLN C 128 22.94 9.63 -9.29
N ASP C 129 22.36 10.20 -10.33
CA ASP C 129 22.47 11.65 -10.53
C ASP C 129 21.85 12.40 -9.34
N LEU C 130 20.69 11.95 -8.88
CA LEU C 130 20.03 12.60 -7.75
C LEU C 130 20.86 12.42 -6.49
N ASP C 131 21.44 11.24 -6.31
CA ASP C 131 22.26 10.95 -5.13
C ASP C 131 23.50 11.86 -5.16
N THR C 132 24.13 11.96 -6.32
CA THR C 132 25.32 12.79 -6.44
C THR C 132 24.94 14.25 -6.18
N TYR C 133 23.81 14.66 -6.74
CA TYR C 133 23.32 16.02 -6.58
C TYR C 133 23.05 16.35 -5.11
N LEU C 134 22.41 15.43 -4.40
CA LEU C 134 22.10 15.65 -2.98
C LEU C 134 23.33 15.64 -2.09
N GLY C 135 24.29 14.78 -2.42
CA GLY C 135 25.49 14.68 -1.61
C GLY C 135 25.17 14.41 -0.15
N GLY C 136 25.92 15.03 0.75
CA GLY C 136 25.68 14.83 2.17
C GLY C 136 24.72 15.85 2.76
N ARG C 137 24.04 16.61 1.91
CA ARG C 137 23.10 17.63 2.37
C ARG C 137 21.79 17.05 2.91
N GLU C 138 21.11 17.83 3.74
CA GLU C 138 19.87 17.42 4.36
C GLU C 138 18.69 17.41 3.38
N TRP C 139 18.65 18.42 2.51
CA TRP C 139 17.57 18.52 1.52
C TRP C 139 18.17 18.72 0.13
N LEU C 140 17.38 18.45 -0.90
CA LEU C 140 17.83 18.59 -2.27
C LEU C 140 18.28 20.00 -2.62
N ILE C 141 17.56 20.99 -2.13
CA ILE C 141 17.90 22.38 -2.39
C ILE C 141 18.01 23.20 -1.10
N GLY C 142 19.08 23.98 -0.97
CA GLY C 142 19.28 24.80 0.20
C GLY C 142 19.41 24.03 1.50
N MET C 143 19.04 24.65 2.61
CA MET C 143 19.13 24.00 3.91
C MET C 143 17.79 23.82 4.60
N SER C 144 16.71 23.92 3.83
CA SER C 144 15.36 23.73 4.36
C SER C 144 14.52 23.02 3.31
N VAL C 145 13.47 22.35 3.76
CA VAL C 145 12.61 21.60 2.85
C VAL C 145 11.94 22.49 1.78
N THR C 146 11.85 21.98 0.57
CA THR C 146 11.20 22.69 -0.54
C THR C 146 10.25 21.67 -1.14
N TRP C 147 9.35 22.11 -2.02
CA TRP C 147 8.42 21.15 -2.59
C TRP C 147 9.11 20.18 -3.54
N ALA C 148 10.38 20.42 -3.84
CA ALA C 148 11.13 19.51 -4.69
C ALA C 148 11.37 18.24 -3.87
N ASP C 149 11.53 18.40 -2.55
CA ASP C 149 11.74 17.25 -1.69
C ASP C 149 10.43 16.46 -1.66
N PHE C 150 9.31 17.19 -1.58
CA PHE C 150 7.99 16.55 -1.56
C PHE C 150 7.83 15.74 -2.83
N TYR C 151 8.21 16.35 -3.95
CA TYR C 151 8.06 15.70 -5.23
C TYR C 151 8.91 14.44 -5.33
N TRP C 152 10.11 14.48 -4.76
CA TRP C 152 10.97 13.30 -4.80
C TRP C 152 10.29 12.17 -4.01
N GLU C 153 9.76 12.52 -2.85
CA GLU C 153 9.11 11.52 -2.00
C GLU C 153 7.88 10.93 -2.69
N ILE C 154 7.13 11.77 -3.39
CA ILE C 154 5.93 11.30 -4.07
C ILE C 154 6.28 10.44 -5.29
N CYS C 155 7.19 10.92 -6.12
CA CYS C 155 7.59 10.13 -7.29
C CYS C 155 8.20 8.80 -6.86
N SER C 156 9.12 8.83 -5.90
CA SER C 156 9.77 7.59 -5.45
C SER C 156 8.80 6.62 -4.77
N THR C 157 7.75 7.12 -4.14
CA THR C 157 6.78 6.24 -3.52
C THR C 157 6.12 5.37 -4.57
N THR C 158 5.80 5.98 -5.72
CA THR C 158 5.17 5.22 -6.79
C THR C 158 6.14 4.30 -7.51
N LEU C 159 7.34 4.79 -7.81
CA LEU C 159 8.33 3.95 -8.49
C LEU C 159 8.70 2.73 -7.64
N LEU C 160 8.69 2.89 -6.33
CA LEU C 160 9.02 1.77 -5.42
C LEU C 160 7.98 0.66 -5.51
N VAL C 161 6.76 1.01 -5.91
CA VAL C 161 5.72 0.00 -6.04
C VAL C 161 6.12 -0.99 -7.13
N PHE C 162 6.69 -0.48 -8.21
CA PHE C 162 7.07 -1.32 -9.32
C PHE C 162 8.49 -1.85 -9.26
N LYS C 163 9.35 -1.16 -8.51
CA LYS C 163 10.76 -1.56 -8.38
C LYS C 163 11.18 -1.40 -6.92
N PRO C 164 10.89 -2.40 -6.08
CA PRO C 164 11.22 -2.39 -4.66
C PRO C 164 12.67 -2.07 -4.30
N ASP C 165 13.63 -2.56 -5.08
CA ASP C 165 15.04 -2.32 -4.80
C ASP C 165 15.60 -1.05 -5.43
N LEU C 166 14.72 -0.21 -5.93
CA LEU C 166 15.11 1.05 -6.58
C LEU C 166 16.18 1.86 -5.85
N LEU C 167 16.07 1.97 -4.52
CA LEU C 167 17.01 2.76 -3.73
C LEU C 167 17.97 1.95 -2.86
N ASP C 168 18.08 0.65 -3.10
CA ASP C 168 18.98 -0.17 -2.30
C ASP C 168 20.43 0.31 -2.35
N ASN C 169 20.83 0.96 -3.45
CA ASN C 169 22.20 1.45 -3.60
C ASN C 169 22.31 2.92 -3.18
N HIS C 170 21.20 3.51 -2.74
CA HIS C 170 21.21 4.92 -2.37
C HIS C 170 20.50 5.23 -1.05
N PRO C 171 21.08 4.80 0.07
CA PRO C 171 20.48 5.05 1.39
C PRO C 171 20.27 6.53 1.71
N ARG C 172 21.02 7.41 1.04
CA ARG C 172 20.88 8.84 1.30
C ARG C 172 19.56 9.39 0.73
N LEU C 173 19.08 8.75 -0.34
CA LEU C 173 17.81 9.14 -0.94
C LEU C 173 16.67 8.59 -0.09
N VAL C 174 16.93 7.47 0.58
CA VAL C 174 15.94 6.84 1.44
C VAL C 174 15.79 7.73 2.68
N THR C 175 16.92 8.20 3.20
CA THR C 175 16.91 9.08 4.35
C THR C 175 16.07 10.33 4.06
N LEU C 176 16.25 10.90 2.87
CA LEU C 176 15.49 12.09 2.49
C LEU C 176 13.99 11.77 2.51
N ARG C 177 13.60 10.64 1.92
CA ARG C 177 12.19 10.23 1.91
C ARG C 177 11.63 10.20 3.34
N LYS C 178 12.38 9.59 4.24
CA LYS C 178 11.96 9.49 5.64
C LYS C 178 11.83 10.85 6.31
N LYS C 179 12.74 11.76 5.98
CA LYS C 179 12.69 13.11 6.55
C LYS C 179 11.41 13.83 6.12
N VAL C 180 11.06 13.68 4.84
CA VAL C 180 9.84 14.32 4.34
C VAL C 180 8.64 13.68 5.05
N GLN C 181 8.65 12.35 5.09
CA GLN C 181 7.59 11.58 5.73
C GLN C 181 7.45 11.89 7.21
N ALA C 182 8.53 12.37 7.84
CA ALA C 182 8.51 12.70 9.27
C ALA C 182 7.92 14.08 9.59
N ILE C 183 7.86 14.97 8.60
CA ILE C 183 7.29 16.30 8.85
C ILE C 183 5.86 16.07 9.34
N PRO C 184 5.56 16.51 10.57
CA PRO C 184 4.22 16.33 11.15
C PRO C 184 3.03 16.52 10.21
N ALA C 185 2.93 17.67 9.57
CA ALA C 185 1.80 17.93 8.68
C ALA C 185 1.75 16.94 7.52
N VAL C 186 2.90 16.51 7.04
CA VAL C 186 2.97 15.57 5.93
C VAL C 186 2.66 14.15 6.39
N ALA C 187 3.24 13.77 7.52
CA ALA C 187 3.00 12.43 8.08
C ALA C 187 1.51 12.27 8.35
N ASN C 188 0.86 13.35 8.80
CA ASN C 188 -0.56 13.30 9.10
C ASN C 188 -1.37 13.01 7.84
N TRP C 189 -1.05 13.74 6.76
CA TRP C 189 -1.75 13.55 5.51
C TRP C 189 -1.54 12.13 5.00
N ILE C 190 -0.28 11.72 4.98
CA ILE C 190 0.08 10.38 4.55
C ILE C 190 -0.71 9.31 5.31
N LYS C 191 -0.96 9.54 6.60
CA LYS C 191 -1.70 8.58 7.39
C LYS C 191 -3.20 8.61 7.14
N ARG C 192 -3.74 9.79 6.85
CA ARG C 192 -5.18 9.91 6.64
C ARG C 192 -5.70 9.81 5.21
N ARG C 193 -4.83 10.02 4.23
CA ARG C 193 -5.26 9.98 2.83
C ARG C 193 -5.82 8.63 2.39
N PRO C 194 -6.70 8.64 1.37
CA PRO C 194 -7.28 7.38 0.87
C PRO C 194 -6.13 6.49 0.38
N GLN C 195 -6.14 5.22 0.76
CA GLN C 195 -5.10 4.30 0.31
C GLN C 195 -5.40 3.81 -1.10
N THR C 196 -4.58 4.21 -2.05
CA THR C 196 -4.75 3.79 -3.44
C THR C 196 -3.42 3.26 -3.98
N LYS C 197 -3.48 2.41 -4.99
CA LYS C 197 -2.27 1.85 -5.56
C LYS C 197 -1.36 2.94 -6.10
N LEU C 198 -1.92 3.80 -6.94
CA LEU C 198 -1.15 4.88 -7.54
C LEU C 198 -1.60 6.27 -7.08
N PRO D 1 -12.00 2.01 4.35
CA PRO D 1 -11.27 2.01 5.64
C PRO D 1 -9.77 2.04 5.34
N ASN D 2 -8.99 2.59 6.25
CA ASN D 2 -7.54 2.61 6.07
C ASN D 2 -6.96 1.45 6.87
N TYR D 3 -6.20 0.61 6.18
CA TYR D 3 -5.60 -0.58 6.78
C TYR D 3 -4.07 -0.54 6.84
N LYS D 4 -3.51 -1.00 7.95
CA LYS D 4 -2.07 -1.09 8.10
C LYS D 4 -1.74 -2.39 8.81
N LEU D 5 -1.13 -3.31 8.07
CA LEU D 5 -0.75 -4.63 8.59
C LEU D 5 0.70 -4.58 9.04
N THR D 6 0.96 -4.99 10.27
CA THR D 6 2.31 -4.99 10.81
C THR D 6 2.79 -6.41 11.14
N TYR D 7 3.90 -6.79 10.52
CA TYR D 7 4.49 -8.10 10.75
C TYR D 7 5.95 -8.01 10.29
N PHE D 8 6.68 -9.10 10.49
CA PHE D 8 8.07 -9.16 10.07
C PHE D 8 8.10 -9.29 8.55
N ASN D 9 9.28 -9.16 7.96
CA ASN D 9 9.38 -9.31 6.52
C ASN D 9 9.49 -10.81 6.22
N MET D 10 8.33 -11.46 6.25
CA MET D 10 8.24 -12.88 5.94
C MET D 10 6.76 -13.21 5.75
N ARG D 11 6.47 -14.35 5.12
CA ARG D 11 5.08 -14.73 4.91
C ARG D 11 4.52 -14.99 6.31
N GLY D 12 5.03 -16.04 6.96
CA GLY D 12 4.61 -16.39 8.30
C GLY D 12 3.12 -16.37 8.57
N ARG D 13 2.75 -15.87 9.76
CA ARG D 13 1.35 -15.82 10.20
C ARG D 13 0.53 -14.69 9.60
N ALA D 14 1.18 -13.79 8.87
CA ALA D 14 0.47 -12.68 8.26
C ALA D 14 0.07 -12.95 6.82
N GLU D 15 0.67 -13.96 6.20
CA GLU D 15 0.39 -14.26 4.81
C GLU D 15 -1.09 -14.50 4.49
N ILE D 16 -1.81 -15.16 5.39
CA ILE D 16 -3.21 -15.42 5.12
C ILE D 16 -3.95 -14.10 4.94
N ILE D 17 -3.57 -13.12 5.74
CA ILE D 17 -4.19 -11.81 5.65
C ILE D 17 -3.85 -11.17 4.31
N ARG D 18 -2.60 -11.28 3.90
CA ARG D 18 -2.15 -10.70 2.64
C ARG D 18 -2.85 -11.35 1.45
N TYR D 19 -3.14 -12.64 1.54
CA TYR D 19 -3.84 -13.34 0.45
C TYR D 19 -5.26 -12.80 0.33
N ILE D 20 -5.90 -12.60 1.48
CA ILE D 20 -7.27 -12.10 1.52
C ILE D 20 -7.37 -10.70 0.91
N PHE D 21 -6.47 -9.80 1.29
CA PHE D 21 -6.47 -8.46 0.72
C PHE D 21 -6.30 -8.54 -0.80
N ALA D 22 -5.41 -9.41 -1.26
CA ALA D 22 -5.16 -9.55 -2.69
C ALA D 22 -6.40 -10.05 -3.42
N TYR D 23 -6.97 -11.13 -2.92
CA TYR D 23 -8.16 -11.72 -3.54
C TYR D 23 -9.31 -10.73 -3.62
N LEU D 24 -9.50 -9.96 -2.56
CA LEU D 24 -10.57 -9.00 -2.50
C LEU D 24 -10.25 -7.67 -3.17
N ASP D 25 -9.02 -7.53 -3.67
CA ASP D 25 -8.60 -6.29 -4.34
C ASP D 25 -8.73 -5.10 -3.40
N ILE D 26 -8.23 -5.27 -2.18
CA ILE D 26 -8.29 -4.21 -1.16
C ILE D 26 -6.89 -3.65 -0.89
N GLN D 27 -6.77 -2.33 -0.93
CA GLN D 27 -5.49 -1.69 -0.68
C GLN D 27 -5.19 -1.65 0.80
N TYR D 28 -3.91 -1.73 1.16
CA TYR D 28 -3.52 -1.70 2.57
C TYR D 28 -2.03 -1.44 2.66
N GLU D 29 -1.58 -0.99 3.83
CA GLU D 29 -0.16 -0.75 4.04
C GLU D 29 0.46 -2.04 4.57
N ASP D 30 1.29 -2.68 3.75
CA ASP D 30 1.96 -3.92 4.14
C ASP D 30 3.23 -3.50 4.86
N HIS D 31 3.12 -3.22 6.16
CA HIS D 31 4.25 -2.77 6.96
C HIS D 31 5.09 -3.93 7.47
N ARG D 32 6.31 -4.05 6.95
CA ARG D 32 7.22 -5.13 7.35
C ARG D 32 8.34 -4.55 8.20
N ILE D 33 8.45 -5.02 9.43
CA ILE D 33 9.47 -4.52 10.35
C ILE D 33 10.71 -5.38 10.44
N GLU D 34 11.84 -4.74 10.73
CA GLU D 34 13.11 -5.43 10.88
C GLU D 34 13.13 -5.93 12.31
N GLN D 35 13.86 -7.00 12.57
CA GLN D 35 13.97 -7.55 13.92
C GLN D 35 14.31 -6.49 14.96
N ALA D 36 15.28 -5.63 14.64
CA ALA D 36 15.70 -4.58 15.56
C ALA D 36 14.62 -3.59 15.93
N ASP D 37 13.61 -3.44 15.07
CA ASP D 37 12.52 -2.51 15.32
C ASP D 37 11.36 -3.15 16.07
N TRP D 38 11.49 -4.43 16.39
CA TRP D 38 10.44 -5.17 17.10
C TRP D 38 10.28 -4.76 18.57
N PRO D 39 11.39 -4.70 19.33
CA PRO D 39 11.30 -4.33 20.75
C PRO D 39 10.44 -3.09 21.04
N GLU D 40 10.79 -1.94 20.47
CA GLU D 40 10.01 -0.73 20.72
C GLU D 40 8.55 -0.86 20.29
N ILE D 41 8.27 -1.69 19.30
CA ILE D 41 6.90 -1.88 18.84
C ILE D 41 6.13 -2.78 19.79
N LYS D 42 6.77 -3.89 20.16
CA LYS D 42 6.17 -4.88 21.06
C LYS D 42 5.58 -4.27 22.33
N SER D 43 6.29 -3.33 22.93
CA SER D 43 5.84 -2.67 24.16
C SER D 43 4.55 -1.88 24.02
N THR D 44 4.19 -1.53 22.79
CA THR D 44 2.98 -0.75 22.56
C THR D 44 1.80 -1.64 22.19
N LEU D 45 2.04 -2.94 22.04
CA LEU D 45 0.99 -3.87 21.66
C LEU D 45 0.21 -4.45 22.82
N PRO D 46 -1.04 -4.88 22.57
CA PRO D 46 -1.96 -5.46 23.56
C PRO D 46 -1.39 -6.67 24.28
N PHE D 47 -0.98 -7.66 23.50
CA PHE D 47 -0.44 -8.87 24.08
C PHE D 47 0.95 -9.18 23.56
N GLY D 48 1.65 -8.11 23.16
CA GLY D 48 3.01 -8.23 22.66
C GLY D 48 3.27 -9.13 21.48
N LYS D 49 2.27 -9.34 20.63
CA LYS D 49 2.47 -10.19 19.47
C LYS D 49 1.97 -9.57 18.18
N ILE D 50 2.52 -10.06 17.07
CA ILE D 50 2.11 -9.64 15.74
C ILE D 50 1.81 -10.94 14.98
N PRO D 51 1.10 -10.85 13.85
CA PRO D 51 0.57 -9.65 13.21
C PRO D 51 -0.54 -8.89 13.94
N ILE D 52 -0.65 -7.61 13.60
CA ILE D 52 -1.70 -6.75 14.10
C ILE D 52 -2.17 -6.00 12.85
N LEU D 53 -3.42 -5.59 12.84
CA LEU D 53 -3.98 -4.86 11.73
C LEU D 53 -4.69 -3.64 12.28
N GLU D 54 -4.24 -2.47 11.87
CA GLU D 54 -4.86 -1.23 12.31
C GLU D 54 -5.93 -0.84 11.30
N VAL D 55 -7.14 -0.59 11.79
CA VAL D 55 -8.26 -0.24 10.93
C VAL D 55 -8.84 1.08 11.43
N ASP D 56 -8.66 2.14 10.65
CA ASP D 56 -9.15 3.45 11.02
C ASP D 56 -8.81 3.79 12.46
N GLY D 57 -7.53 3.68 12.81
CA GLY D 57 -7.11 4.01 14.17
C GLY D 57 -7.26 2.98 15.28
N LEU D 58 -7.95 1.87 15.01
CA LEU D 58 -8.13 0.86 16.03
C LEU D 58 -7.32 -0.40 15.71
N THR D 59 -6.71 -1.00 16.72
CA THR D 59 -5.86 -2.17 16.54
C THR D 59 -6.53 -3.53 16.74
N LEU D 60 -6.29 -4.42 15.80
CA LEU D 60 -6.79 -5.78 15.85
C LEU D 60 -5.60 -6.72 15.93
N HIS D 61 -5.76 -7.83 16.64
CA HIS D 61 -4.69 -8.80 16.75
C HIS D 61 -5.19 -10.23 16.50
N GLN D 62 -4.25 -11.17 16.48
CA GLN D 62 -4.51 -12.59 16.22
C GLN D 62 -4.79 -12.76 14.73
N SER D 63 -3.84 -13.38 14.04
CA SER D 63 -3.92 -13.59 12.60
C SER D 63 -5.23 -14.17 12.08
N LEU D 64 -5.72 -15.23 12.71
CA LEU D 64 -6.95 -15.87 12.24
C LEU D 64 -8.20 -15.05 12.55
N ALA D 65 -8.17 -14.36 13.68
CA ALA D 65 -9.30 -13.50 14.05
C ALA D 65 -9.40 -12.40 12.99
N ILE D 66 -8.26 -11.85 12.59
CA ILE D 66 -8.23 -10.79 11.58
C ILE D 66 -8.68 -11.33 10.23
N ALA D 67 -8.13 -12.48 9.84
CA ALA D 67 -8.49 -13.08 8.57
C ALA D 67 -10.01 -13.30 8.46
N ARG D 68 -10.60 -13.80 9.54
CA ARG D 68 -12.04 -14.05 9.55
C ARG D 68 -12.80 -12.75 9.40
N TYR D 69 -12.33 -11.70 10.08
CA TYR D 69 -12.97 -10.40 10.02
C TYR D 69 -12.99 -9.87 8.59
N LEU D 70 -11.85 -9.99 7.90
CA LEU D 70 -11.72 -9.51 6.52
C LEU D 70 -12.56 -10.28 5.52
N THR D 71 -12.88 -11.53 5.83
CA THR D 71 -13.68 -12.35 4.92
C THR D 71 -15.18 -12.27 5.20
N LYS D 72 -15.58 -11.67 6.32
CA LYS D 72 -17.00 -11.55 6.61
C LYS D 72 -17.75 -10.85 5.47
N ASN D 73 -18.90 -11.40 5.12
CA ASN D 73 -19.73 -10.86 4.05
C ASN D 73 -19.07 -10.99 2.68
N THR D 74 -18.17 -11.95 2.51
CA THR D 74 -17.54 -12.15 1.22
C THR D 74 -17.65 -13.62 0.83
N ASP D 75 -17.33 -13.94 -0.40
CA ASP D 75 -17.42 -15.33 -0.87
C ASP D 75 -16.36 -16.26 -0.27
N LEU D 76 -15.37 -15.69 0.42
CA LEU D 76 -14.31 -16.52 1.01
C LEU D 76 -14.65 -17.12 2.36
N ALA D 77 -15.68 -16.58 3.00
CA ALA D 77 -16.08 -17.01 4.34
C ALA D 77 -16.75 -18.38 4.46
N GLY D 78 -17.53 -18.76 3.46
CA GLY D 78 -18.24 -20.03 3.52
C GLY D 78 -19.65 -19.74 3.04
N ASN D 79 -20.25 -20.66 2.30
CA ASN D 79 -21.57 -20.47 1.72
C ASN D 79 -22.81 -20.80 2.57
N THR D 80 -22.61 -21.36 3.75
CA THR D 80 -23.70 -21.68 4.66
C THR D 80 -23.13 -21.58 6.08
N GLU D 81 -24.00 -21.42 7.07
CA GLU D 81 -23.52 -21.31 8.44
C GLU D 81 -22.68 -22.51 8.84
N MET D 82 -23.09 -23.70 8.40
CA MET D 82 -22.33 -24.89 8.73
C MET D 82 -21.01 -24.97 7.96
N GLU D 83 -21.00 -24.51 6.71
CA GLU D 83 -19.76 -24.55 5.94
C GLU D 83 -18.80 -23.52 6.52
N GLN D 84 -19.33 -22.43 7.08
CA GLN D 84 -18.48 -21.41 7.70
C GLN D 84 -17.80 -22.05 8.90
N CYS D 85 -18.52 -22.93 9.58
CA CYS D 85 -17.96 -23.62 10.73
C CYS D 85 -16.85 -24.55 10.24
N HIS D 86 -17.08 -25.25 9.14
CA HIS D 86 -16.07 -26.15 8.59
C HIS D 86 -14.82 -25.39 8.18
N VAL D 87 -15.00 -24.20 7.62
CA VAL D 87 -13.85 -23.37 7.24
C VAL D 87 -13.03 -23.09 8.49
N ASP D 88 -13.69 -22.59 9.53
CA ASP D 88 -13.01 -22.28 10.79
C ASP D 88 -12.32 -23.52 11.36
N ALA D 89 -13.00 -24.66 11.28
CA ALA D 89 -12.46 -25.90 11.80
C ALA D 89 -11.20 -26.37 11.06
N ILE D 90 -11.22 -26.31 9.73
CA ILE D 90 -10.05 -26.72 8.97
C ILE D 90 -8.88 -25.78 9.26
N VAL D 91 -9.19 -24.48 9.34
CA VAL D 91 -8.16 -23.49 9.62
C VAL D 91 -7.49 -23.76 10.98
N ASP D 92 -8.27 -24.00 12.02
CA ASP D 92 -7.69 -24.28 13.34
C ASP D 92 -6.90 -25.60 13.36
N THR D 93 -7.39 -26.59 12.62
CA THR D 93 -6.69 -27.87 12.55
C THR D 93 -5.30 -27.63 11.94
N LEU D 94 -5.24 -26.85 10.86
CA LEU D 94 -3.96 -26.55 10.23
C LEU D 94 -3.05 -25.72 11.16
N ASP D 95 -3.63 -24.72 11.81
CA ASP D 95 -2.88 -23.84 12.70
C ASP D 95 -2.36 -24.61 13.92
N ASP D 96 -3.16 -25.55 14.42
CA ASP D 96 -2.76 -26.37 15.56
C ASP D 96 -1.47 -27.13 15.22
N PHE D 97 -1.41 -27.70 14.02
CA PHE D 97 -0.20 -28.43 13.64
C PHE D 97 0.99 -27.50 13.44
N MET D 98 0.76 -26.34 12.81
CA MET D 98 1.84 -25.39 12.59
C MET D 98 2.41 -24.91 13.92
N SER D 99 1.55 -24.76 14.92
CA SER D 99 1.98 -24.29 16.24
C SER D 99 2.80 -25.32 17.01
N CYS D 100 2.90 -26.53 16.46
CA CYS D 100 3.67 -27.60 17.12
C CYS D 100 5.16 -27.44 16.86
N PHE D 101 5.51 -26.77 15.77
CA PHE D 101 6.91 -26.57 15.43
C PHE D 101 7.61 -25.54 16.31
N PRO D 102 8.83 -25.87 16.78
CA PRO D 102 9.61 -24.96 17.63
C PRO D 102 10.28 -23.86 16.81
N TRP D 103 9.47 -22.98 16.23
CA TRP D 103 9.99 -21.90 15.41
C TRP D 103 10.98 -20.98 16.13
N ALA D 104 10.86 -20.88 17.44
CA ALA D 104 11.74 -20.01 18.23
C ALA D 104 12.92 -20.69 18.93
N GLU D 105 13.05 -22.01 18.75
CA GLU D 105 14.15 -22.74 19.38
C GLU D 105 15.51 -22.18 18.96
N LYS D 106 16.30 -21.76 19.96
CA LYS D 106 17.63 -21.20 19.72
C LYS D 106 18.66 -22.23 19.28
N LYS D 107 18.61 -23.41 19.90
CA LYS D 107 19.54 -24.48 19.55
C LYS D 107 19.11 -25.09 18.22
N GLN D 108 19.92 -24.88 17.19
CA GLN D 108 19.62 -25.38 15.85
C GLN D 108 19.52 -26.89 15.71
N ASP D 109 20.37 -27.63 16.42
CA ASP D 109 20.35 -29.08 16.33
C ASP D 109 19.06 -29.68 16.87
N VAL D 110 18.61 -29.21 18.03
CA VAL D 110 17.38 -29.70 18.63
C VAL D 110 16.18 -29.28 17.79
N LYS D 111 16.22 -28.04 17.29
CA LYS D 111 15.14 -27.52 16.47
C LYS D 111 14.96 -28.40 15.24
N GLU D 112 16.04 -28.56 14.48
CA GLU D 112 16.04 -29.36 13.27
C GLU D 112 15.57 -30.79 13.54
N GLN D 113 16.03 -31.36 14.65
CA GLN D 113 15.65 -32.72 15.03
C GLN D 113 14.13 -32.81 15.22
N MET D 114 13.57 -31.87 15.99
CA MET D 114 12.13 -31.86 16.24
C MET D 114 11.33 -31.63 14.95
N PHE D 115 11.84 -30.75 14.09
CA PHE D 115 11.17 -30.47 12.82
C PHE D 115 11.07 -31.76 12.02
N ASN D 116 12.21 -32.45 11.87
CA ASN D 116 12.24 -33.70 11.12
C ASN D 116 11.33 -34.77 11.71
N GLU D 117 11.27 -34.85 13.03
CA GLU D 117 10.41 -35.82 13.68
C GLU D 117 8.93 -35.52 13.41
N LEU D 118 8.54 -34.26 13.59
CA LEU D 118 7.15 -33.87 13.36
C LEU D 118 6.74 -34.13 11.91
N LEU D 119 7.64 -33.83 10.99
CA LEU D 119 7.39 -33.99 9.56
C LEU D 119 7.34 -35.45 9.12
N THR D 120 8.08 -36.31 9.82
CA THR D 120 8.13 -37.72 9.47
C THR D 120 7.11 -38.58 10.20
N TYR D 121 6.94 -38.35 11.50
CA TYR D 121 6.02 -39.17 12.27
C TYR D 121 4.61 -38.59 12.45
N ASN D 122 4.49 -37.27 12.46
CA ASN D 122 3.20 -36.66 12.67
C ASN D 122 2.44 -36.13 11.45
N ALA D 123 3.16 -35.44 10.57
CA ALA D 123 2.53 -34.88 9.37
C ALA D 123 1.78 -35.87 8.48
N PRO D 124 2.32 -37.08 8.27
CA PRO D 124 1.65 -38.07 7.42
C PRO D 124 0.20 -38.32 7.82
N HIS D 125 -0.07 -38.34 9.12
CA HIS D 125 -1.42 -38.59 9.59
C HIS D 125 -2.36 -37.44 9.26
N LEU D 126 -1.86 -36.21 9.37
CA LEU D 126 -2.67 -35.04 9.06
C LEU D 126 -2.90 -34.94 7.56
N MET D 127 -1.86 -35.24 6.77
CA MET D 127 -2.02 -35.17 5.33
C MET D 127 -3.08 -36.17 4.88
N GLN D 128 -3.06 -37.37 5.45
CA GLN D 128 -4.04 -38.37 5.09
C GLN D 128 -5.44 -37.90 5.49
N ASP D 129 -5.58 -37.40 6.72
CA ASP D 129 -6.89 -36.91 7.17
C ASP D 129 -7.41 -35.83 6.23
N LEU D 130 -6.54 -34.92 5.82
CA LEU D 130 -6.93 -33.84 4.91
C LEU D 130 -7.32 -34.39 3.54
N ASP D 131 -6.54 -35.34 3.03
CA ASP D 131 -6.82 -35.94 1.73
C ASP D 131 -8.21 -36.61 1.79
N THR D 132 -8.42 -37.43 2.81
CA THR D 132 -9.69 -38.10 2.98
C THR D 132 -10.81 -37.07 3.06
N TYR D 133 -10.61 -36.04 3.87
CA TYR D 133 -11.61 -34.99 4.04
C TYR D 133 -11.95 -34.32 2.71
N LEU D 134 -10.92 -34.02 1.92
CA LEU D 134 -11.12 -33.38 0.62
C LEU D 134 -11.78 -34.30 -0.41
N GLY D 135 -11.45 -35.59 -0.34
CA GLY D 135 -12.00 -36.54 -1.29
C GLY D 135 -11.80 -36.10 -2.72
N GLY D 136 -12.81 -36.33 -3.56
CA GLY D 136 -12.71 -35.94 -4.96
C GLY D 136 -13.23 -34.55 -5.22
N ARG D 137 -13.51 -33.80 -4.14
CA ARG D 137 -14.03 -32.44 -4.29
C ARG D 137 -12.98 -31.45 -4.77
N GLU D 138 -13.45 -30.36 -5.37
CA GLU D 138 -12.57 -29.32 -5.92
C GLU D 138 -11.91 -28.44 -4.86
N TRP D 139 -12.66 -28.13 -3.81
CA TRP D 139 -12.15 -27.30 -2.72
C TRP D 139 -12.43 -28.00 -1.38
N LEU D 140 -11.71 -27.58 -0.34
CA LEU D 140 -11.88 -28.19 0.97
C LEU D 140 -13.30 -28.06 1.51
N ILE D 141 -13.90 -26.88 1.34
CA ILE D 141 -15.26 -26.66 1.81
C ILE D 141 -16.17 -26.14 0.70
N GLY D 142 -17.36 -26.73 0.60
CA GLY D 142 -18.32 -26.29 -0.39
C GLY D 142 -17.85 -26.53 -1.81
N MET D 143 -18.39 -25.74 -2.74
CA MET D 143 -18.03 -25.89 -4.15
C MET D 143 -17.33 -24.67 -4.71
N SER D 144 -16.82 -23.82 -3.82
CA SER D 144 -16.10 -22.62 -4.23
C SER D 144 -14.95 -22.40 -3.24
N VAL D 145 -13.95 -21.64 -3.66
CA VAL D 145 -12.80 -21.36 -2.82
C VAL D 145 -13.15 -20.57 -1.56
N THR D 146 -12.50 -20.93 -0.45
CA THR D 146 -12.70 -20.25 0.83
C THR D 146 -11.30 -19.96 1.37
N TRP D 147 -11.19 -19.18 2.42
CA TRP D 147 -9.87 -18.87 2.93
C TRP D 147 -9.20 -20.07 3.58
N ALA D 148 -9.95 -21.17 3.75
CA ALA D 148 -9.38 -22.39 4.31
C ALA D 148 -8.46 -22.98 3.22
N ASP D 149 -8.85 -22.82 1.96
CA ASP D 149 -8.02 -23.30 0.86
C ASP D 149 -6.74 -22.47 0.83
N PHE D 150 -6.88 -21.16 1.03
CA PHE D 150 -5.72 -20.26 1.04
C PHE D 150 -4.77 -20.69 2.15
N TYR D 151 -5.32 -21.03 3.30
CA TYR D 151 -4.51 -21.41 4.44
C TYR D 151 -3.79 -22.73 4.20
N TRP D 152 -4.45 -23.65 3.51
CA TRP D 152 -3.81 -24.92 3.20
C TRP D 152 -2.59 -24.65 2.33
N GLU D 153 -2.78 -23.83 1.31
CA GLU D 153 -1.71 -23.50 0.37
C GLU D 153 -0.55 -22.78 1.05
N ILE D 154 -0.87 -21.91 2.00
CA ILE D 154 0.15 -21.16 2.71
C ILE D 154 0.93 -22.06 3.67
N CYS D 155 0.22 -22.85 4.46
CA CYS D 155 0.87 -23.75 5.40
C CYS D 155 1.72 -24.80 4.67
N SER D 156 1.16 -25.43 3.65
CA SER D 156 1.90 -26.45 2.92
C SER D 156 3.12 -25.88 2.20
N THR D 157 3.05 -24.63 1.76
CA THR D 157 4.19 -24.03 1.09
C THR D 157 5.38 -24.01 2.06
N THR D 158 5.11 -23.67 3.31
CA THR D 158 6.17 -23.62 4.30
C THR D 158 6.64 -25.02 4.72
N LEU D 159 5.70 -25.93 4.94
CA LEU D 159 6.08 -27.28 5.34
C LEU D 159 6.91 -27.97 4.26
N LEU D 160 6.59 -27.68 3.00
CA LEU D 160 7.32 -28.26 1.86
C LEU D 160 8.77 -27.81 1.86
N VAL D 161 9.06 -26.67 2.48
CA VAL D 161 10.44 -26.19 2.52
C VAL D 161 11.28 -27.18 3.33
N PHE D 162 10.70 -27.67 4.43
CA PHE D 162 11.41 -28.59 5.31
C PHE D 162 11.22 -30.07 5.00
N LYS D 163 10.16 -30.39 4.26
CA LYS D 163 9.87 -31.77 3.88
C LYS D 163 9.35 -31.80 2.45
N PRO D 164 10.28 -31.81 1.48
CA PRO D 164 9.92 -31.85 0.05
C PRO D 164 8.93 -32.93 -0.38
N ASP D 165 9.06 -34.13 0.18
CA ASP D 165 8.17 -35.23 -0.20
C ASP D 165 6.86 -35.27 0.58
N LEU D 166 6.58 -34.22 1.34
CA LEU D 166 5.38 -34.12 2.15
C LEU D 166 4.10 -34.61 1.47
N LEU D 167 3.88 -34.18 0.23
CA LEU D 167 2.67 -34.53 -0.53
C LEU D 167 2.85 -35.55 -1.65
N ASP D 168 3.96 -36.27 -1.66
CA ASP D 168 4.18 -37.27 -2.71
C ASP D 168 3.11 -38.36 -2.77
N ASN D 169 2.46 -38.63 -1.63
CA ASN D 169 1.41 -39.65 -1.57
C ASN D 169 0.02 -39.04 -1.70
N HIS D 170 -0.05 -37.71 -1.83
CA HIS D 170 -1.35 -37.06 -1.93
C HIS D 170 -1.45 -36.05 -3.06
N PRO D 171 -1.46 -36.54 -4.31
CA PRO D 171 -1.56 -35.65 -5.48
C PRO D 171 -2.80 -34.77 -5.47
N ARG D 172 -3.85 -35.17 -4.76
CA ARG D 172 -5.07 -34.36 -4.73
C ARG D 172 -4.85 -33.08 -3.92
N LEU D 173 -3.99 -33.15 -2.92
CA LEU D 173 -3.69 -31.98 -2.10
C LEU D 173 -2.77 -31.05 -2.90
N VAL D 174 -2.00 -31.65 -3.81
CA VAL D 174 -1.09 -30.87 -4.66
C VAL D 174 -1.94 -30.12 -5.67
N THR D 175 -2.95 -30.81 -6.19
CA THR D 175 -3.85 -30.20 -7.15
C THR D 175 -4.54 -28.98 -6.53
N LEU D 176 -4.97 -29.13 -5.27
CA LEU D 176 -5.64 -28.02 -4.59
C LEU D 176 -4.68 -26.84 -4.48
N ARG D 177 -3.42 -27.09 -4.10
CA ARG D 177 -2.42 -26.02 -4.00
C ARG D 177 -2.32 -25.27 -5.33
N LYS D 178 -2.22 -26.00 -6.43
CA LYS D 178 -2.09 -25.37 -7.74
C LYS D 178 -3.33 -24.56 -8.13
N LYS D 179 -4.51 -25.03 -7.74
CA LYS D 179 -5.74 -24.31 -8.05
C LYS D 179 -5.76 -22.97 -7.34
N VAL D 180 -5.32 -22.96 -6.08
CA VAL D 180 -5.28 -21.72 -5.33
C VAL D 180 -4.25 -20.80 -5.97
N GLN D 181 -3.08 -21.36 -6.30
CA GLN D 181 -2.02 -20.59 -6.92
C GLN D 181 -2.39 -20.05 -8.30
N ALA D 182 -3.35 -20.69 -8.96
CA ALA D 182 -3.78 -20.25 -10.29
C ALA D 182 -4.80 -19.11 -10.28
N ILE D 183 -5.44 -18.87 -9.14
CA ILE D 183 -6.41 -17.77 -9.05
C ILE D 183 -5.61 -16.50 -9.38
N PRO D 184 -5.97 -15.83 -10.48
CA PRO D 184 -5.27 -14.61 -10.91
C PRO D 184 -4.78 -13.66 -9.82
N ALA D 185 -5.68 -13.18 -8.97
CA ALA D 185 -5.28 -12.23 -7.92
C ALA D 185 -4.27 -12.85 -6.96
N VAL D 186 -4.39 -14.16 -6.74
CA VAL D 186 -3.46 -14.83 -5.84
C VAL D 186 -2.13 -15.05 -6.54
N ALA D 187 -2.18 -15.49 -7.79
CA ALA D 187 -0.98 -15.73 -8.57
C ALA D 187 -0.15 -14.46 -8.65
N ASN D 188 -0.84 -13.33 -8.80
CA ASN D 188 -0.17 -12.04 -8.90
C ASN D 188 0.56 -11.67 -7.61
N TRP D 189 -0.10 -11.86 -6.48
CA TRP D 189 0.50 -11.57 -5.19
C TRP D 189 1.72 -12.46 -5.01
N ILE D 190 1.52 -13.75 -5.22
CA ILE D 190 2.60 -14.72 -5.09
C ILE D 190 3.83 -14.35 -5.93
N LYS D 191 3.58 -13.82 -7.12
CA LYS D 191 4.66 -13.42 -8.01
C LYS D 191 5.39 -12.15 -7.59
N ARG D 192 4.67 -11.21 -7.01
CA ARG D 192 5.27 -9.93 -6.62
C ARG D 192 5.71 -9.78 -5.18
N ARG D 193 5.24 -10.65 -4.30
CA ARG D 193 5.59 -10.54 -2.89
C ARG D 193 7.08 -10.72 -2.62
N PRO D 194 7.58 -10.12 -1.53
CA PRO D 194 8.99 -10.25 -1.19
C PRO D 194 9.29 -11.74 -1.04
N GLN D 195 10.37 -12.20 -1.66
CA GLN D 195 10.75 -13.61 -1.54
C GLN D 195 11.53 -13.80 -0.25
N THR D 196 10.94 -14.55 0.68
CA THR D 196 11.56 -14.81 1.97
C THR D 196 11.47 -16.31 2.23
N LYS D 197 12.40 -16.85 3.01
CA LYS D 197 12.39 -18.28 3.32
C LYS D 197 11.09 -18.70 4.00
N LEU D 198 10.71 -17.97 5.05
CA LEU D 198 9.50 -18.29 5.80
C LEU D 198 8.38 -17.27 5.60
#